data_2XWE
#
_entry.id   2XWE
#
_cell.length_a   68.142
_cell.length_b   96.693
_cell.length_c   82.970
_cell.angle_alpha   90.00
_cell.angle_beta   102.84
_cell.angle_gamma   90.00
#
_symmetry.space_group_name_H-M   'P 1 21 1'
#
loop_
_entity.id
_entity.type
_entity.pdbx_description
1 polymer GLUCOSYLCERAMIDASE
2 branched beta-D-mannopyranose-(1-4)-2-acetamido-2-deoxy-beta-D-glucopyranose-(1-4)-[alpha-L-fucopyranose-(1-3)]2-acetamido-2-deoxy-beta-D-glucopyranose
3 non-polymer 'PHOSPHATE ION'
4 non-polymer 'POTASSIUM ION'
5 non-polymer (3Z,5S,6R,7S,8R,8aS)-3-(octylimino)hexahydro[1,3]thiazolo[3,4-a]pyridine-5,6,7,8-tetrol
6 water water
#
_entity_poly.entity_id   1
_entity_poly.type   'polypeptide(L)'
_entity_poly.pdbx_seq_one_letter_code
;EFARPCIPKSFGYSSVVCVCNATYCDSFDPPTFPALGTFSRYESTRSGRRMELSMGPIQANHTGTGLLLTLQPEQKFQKV
KGFGGAMTDAAALNILALSPPAQNLLLKSYFSEEGIGYNIIRVPMASCDFSIRTYTYADTPDDFQLHNFSLPEEDTKLKI
PLIHRALQLAQRPVSLLASPWTSPTWLKTNGAVNGKGSLKGQPGDIYHQTWARYFVKFLDAYAEHKLQFWAVTAENEPSA
GLLSGYPFQCLGFTPEHQRDFIARDLGPTLANSTHHNVRLLMLDDQRLLLPHWAKVVLTDPEAAKYVHGIAVHWYLDFLA
PAKATLGETHRLFPNTMLFASEACVGSKFWEQSVRLGSWDRGMQYSHSIITNLLYHVVGWTDWNLALNPEGGPNWVRNFV
DSPIIVDITKDTFYKQPMFYHLGHFSKFIPEGSQRVGLVASQKNDLDAVALMHPDGSAVVVVLNRSSKDVPLTIKDPAVG
FLETISPGYSIHTYLWHRQLLVDTM
;
_entity_poly.pdbx_strand_id   A,B
#
# COMPACT_ATOMS: atom_id res chain seq x y z
N PHE A 2 -34.49 -30.38 1.07
CA PHE A 2 -33.89 -31.38 0.09
C PHE A 2 -32.52 -31.00 -0.46
N ALA A 3 -31.54 -31.90 -0.32
CA ALA A 3 -30.24 -31.70 -0.98
C ALA A 3 -30.41 -31.81 -2.49
N ARG A 4 -29.79 -30.87 -3.21
CA ARG A 4 -29.71 -30.90 -4.69
C ARG A 4 -28.27 -30.69 -5.04
N PRO A 5 -27.68 -31.62 -5.77
CA PRO A 5 -26.27 -31.33 -6.09
C PRO A 5 -26.04 -30.02 -6.91
N CYS A 6 -24.79 -29.57 -6.90
CA CYS A 6 -24.26 -28.54 -7.80
C CYS A 6 -24.35 -29.02 -9.26
N ILE A 7 -24.93 -28.19 -10.15
CA ILE A 7 -24.79 -28.28 -11.61
C ILE A 7 -23.48 -27.60 -12.04
N PRO A 8 -22.47 -28.37 -12.35
CA PRO A 8 -21.25 -27.67 -12.65
C PRO A 8 -21.11 -27.14 -14.08
N LYS A 9 -20.36 -26.06 -14.22
CA LYS A 9 -20.03 -25.54 -15.51
C LYS A 9 -18.65 -24.90 -15.48
N SER A 10 -17.84 -25.27 -16.43
CA SER A 10 -16.50 -24.75 -16.50
C SER A 10 -16.46 -23.52 -17.46
N PHE A 11 -15.61 -22.56 -17.19
CA PHE A 11 -15.37 -21.45 -18.12
C PHE A 11 -13.89 -21.37 -18.43
N GLY A 12 -13.23 -22.52 -18.24
CA GLY A 12 -11.81 -22.59 -18.53
C GLY A 12 -10.86 -22.23 -17.40
N TYR A 13 -11.38 -21.94 -16.22
CA TYR A 13 -10.44 -21.70 -15.11
C TYR A 13 -10.18 -23.00 -14.33
N SER A 14 -9.56 -22.92 -13.18
CA SER A 14 -9.07 -24.13 -12.51
C SER A 14 -10.16 -25.00 -11.98
N SER A 15 -11.37 -24.46 -11.82
CA SER A 15 -12.45 -25.27 -11.29
C SER A 15 -13.75 -24.83 -11.91
N VAL A 16 -14.86 -25.41 -11.44
CA VAL A 16 -16.23 -25.09 -11.96
C VAL A 16 -17.02 -24.12 -11.12
N VAL A 17 -18.05 -23.52 -11.67
CA VAL A 17 -19.10 -22.89 -10.91
C VAL A 17 -20.36 -23.80 -10.81
N CYS A 18 -21.28 -23.43 -9.92
CA CYS A 18 -22.54 -24.13 -9.79
C CYS A 18 -23.57 -23.25 -10.38
N VAL A 19 -24.38 -23.84 -11.28
CA VAL A 19 -25.35 -23.07 -12.05
C VAL A 19 -26.73 -23.10 -11.36
N CYS A 20 -27.32 -21.93 -11.21
CA CYS A 20 -28.61 -21.85 -10.56
C CYS A 20 -29.50 -20.98 -11.42
N ASN A 21 -30.80 -21.23 -11.34
CA ASN A 21 -31.74 -20.45 -12.12
C ASN A 21 -33.03 -20.32 -11.39
N ALA A 22 -34.09 -20.05 -12.13
CA ALA A 22 -35.39 -19.77 -11.56
C ALA A 22 -35.97 -20.99 -10.86
N THR A 23 -35.57 -22.21 -11.26
CA THR A 23 -36.21 -23.39 -10.68
C THR A 23 -35.24 -24.33 -9.97
N TYR A 24 -33.95 -24.07 -10.04
CA TYR A 24 -33.03 -24.99 -9.43
C TYR A 24 -31.85 -24.23 -8.84
N CYS A 25 -31.48 -24.58 -7.61
CA CYS A 25 -30.19 -24.21 -7.06
C CYS A 25 -29.71 -25.29 -6.12
N ASP A 26 -28.41 -25.53 -6.06
CA ASP A 26 -27.86 -26.50 -5.09
C ASP A 26 -28.27 -26.14 -3.65
N SER A 27 -28.49 -27.14 -2.82
CA SER A 27 -28.83 -26.91 -1.41
C SER A 27 -28.50 -28.13 -0.54
N PHE A 28 -28.67 -27.99 0.76
CA PHE A 28 -28.34 -29.08 1.69
C PHE A 28 -29.58 -29.82 2.14
N ASP A 29 -29.44 -31.09 2.56
CA ASP A 29 -30.50 -31.85 3.30
C ASP A 29 -30.73 -31.20 4.67
N PRO A 30 -31.76 -31.68 5.43
CA PRO A 30 -31.92 -31.07 6.79
C PRO A 30 -30.91 -31.71 7.78
N PRO A 31 -30.37 -30.90 8.72
CA PRO A 31 -29.36 -31.48 9.64
C PRO A 31 -29.98 -32.46 10.68
N PRO A 34 -24.70 -34.68 14.24
CA PRO A 34 -24.39 -36.12 14.06
C PRO A 34 -24.98 -37.04 15.16
N ALA A 35 -24.08 -37.82 15.79
CA ALA A 35 -24.37 -38.91 16.77
C ALA A 35 -23.07 -39.28 17.51
N LEU A 36 -23.10 -39.39 18.84
CA LEU A 36 -21.85 -39.51 19.62
C LEU A 36 -20.87 -40.63 19.20
N GLY A 37 -19.58 -40.33 19.29
CA GLY A 37 -18.54 -41.18 18.74
C GLY A 37 -18.45 -41.20 17.22
N THR A 38 -19.17 -40.31 16.55
CA THR A 38 -18.95 -40.09 15.11
C THR A 38 -18.69 -38.62 14.83
N PHE A 39 -18.06 -38.33 13.68
CA PHE A 39 -17.89 -36.94 13.21
C PHE A 39 -18.50 -36.76 11.82
N SER A 40 -18.89 -35.52 11.52
CA SER A 40 -19.30 -35.10 10.20
C SER A 40 -18.15 -34.34 9.54
N ARG A 41 -18.02 -34.55 8.22
CA ARG A 41 -16.97 -33.93 7.41
C ARG A 41 -17.72 -33.30 6.25
N TYR A 42 -17.49 -32.02 5.99
CA TYR A 42 -17.87 -31.39 4.73
C TYR A 42 -16.66 -31.11 3.91
N GLU A 43 -16.73 -31.47 2.63
CA GLU A 43 -15.61 -31.33 1.73
C GLU A 43 -15.89 -30.57 0.42
N SER A 44 -14.97 -29.69 0.03
CA SER A 44 -14.99 -29.08 -1.28
C SER A 44 -13.61 -29.24 -1.86
N THR A 45 -13.51 -29.45 -3.17
CA THR A 45 -12.25 -29.73 -3.86
C THR A 45 -12.21 -28.98 -5.19
N ARG A 46 -11.00 -28.69 -5.66
CA ARG A 46 -10.81 -28.11 -7.02
C ARG A 46 -11.43 -29.01 -8.10
N SER A 47 -11.31 -30.33 -7.89
CA SER A 47 -11.90 -31.35 -8.79
C SER A 47 -13.41 -31.24 -8.96
N GLY A 48 -14.11 -30.54 -8.05
CA GLY A 48 -15.56 -30.35 -8.22
C GLY A 48 -16.52 -30.69 -7.08
N ARG A 49 -16.03 -31.25 -6.00
CA ARG A 49 -16.95 -31.47 -4.86
C ARG A 49 -17.27 -30.16 -4.20
N ARG A 50 -18.49 -30.03 -3.73
CA ARG A 50 -19.02 -28.75 -3.20
C ARG A 50 -19.69 -28.98 -1.85
N MET A 51 -18.93 -28.75 -0.77
CA MET A 51 -19.50 -28.96 0.58
C MET A 51 -20.19 -30.32 0.72
N GLU A 52 -19.56 -31.41 0.30
CA GLU A 52 -20.19 -32.71 0.36
C GLU A 52 -19.97 -33.31 1.70
N LEU A 53 -21.01 -33.98 2.20
CA LEU A 53 -21.07 -34.50 3.56
C LEU A 53 -20.65 -35.94 3.61
N SER A 54 -19.80 -36.27 4.55
CA SER A 54 -19.48 -37.66 4.88
C SER A 54 -19.34 -37.81 6.40
N MET A 55 -19.30 -39.04 6.87
CA MET A 55 -19.13 -39.29 8.30
C MET A 55 -18.04 -40.29 8.56
N GLY A 56 -17.45 -40.22 9.75
CA GLY A 56 -16.51 -41.23 10.16
C GLY A 56 -16.57 -41.47 11.64
N PRO A 57 -15.84 -42.49 12.10
CA PRO A 57 -15.86 -42.74 13.54
C PRO A 57 -14.79 -41.94 14.28
N ILE A 58 -15.08 -41.58 15.52
CA ILE A 58 -14.05 -41.10 16.47
C ILE A 58 -13.49 -42.32 17.24
N GLN A 59 -12.19 -42.58 17.03
CA GLN A 59 -11.42 -43.68 17.64
C GLN A 59 -10.75 -43.32 18.98
N ALA A 60 -10.71 -44.33 19.87
CA ALA A 60 -10.25 -44.16 21.21
C ALA A 60 -8.74 -44.02 21.27
N ASN A 61 -7.99 -44.71 20.38
CA ASN A 61 -6.52 -44.64 20.41
C ASN A 61 -5.97 -44.24 19.03
N HIS A 62 -4.67 -43.96 18.97
CA HIS A 62 -4.03 -43.67 17.71
C HIS A 62 -2.53 -43.91 17.77
N THR A 63 -1.95 -44.34 16.65
CA THR A 63 -0.51 -44.57 16.60
C THR A 63 0.10 -44.23 15.28
N GLY A 64 1.30 -43.71 15.35
CA GLY A 64 2.02 -43.44 14.16
C GLY A 64 2.62 -42.09 14.31
N THR A 65 3.29 -41.68 13.25
CA THR A 65 4.07 -40.46 13.25
C THR A 65 3.57 -39.52 12.17
N GLY A 66 2.37 -39.74 11.64
CA GLY A 66 1.83 -38.77 10.71
C GLY A 66 1.59 -37.44 11.41
N LEU A 67 1.10 -36.44 10.66
CA LEU A 67 0.68 -35.16 11.24
C LEU A 67 -0.47 -35.37 12.22
N LEU A 68 -0.29 -34.86 13.44
CA LEU A 68 -1.34 -34.87 14.45
C LEU A 68 -1.69 -33.43 14.80
N LEU A 69 -2.99 -33.12 14.78
CA LEU A 69 -3.53 -31.82 15.21
C LEU A 69 -4.29 -31.98 16.52
N THR A 70 -3.90 -31.24 17.54
CA THR A 70 -4.44 -31.46 18.86
C THR A 70 -5.20 -30.25 19.33
N LEU A 71 -6.49 -30.42 19.59
CA LEU A 71 -7.28 -29.39 20.22
C LEU A 71 -6.78 -29.14 21.60
N GLN A 72 -6.73 -27.86 21.97
CA GLN A 72 -6.52 -27.45 23.35
C GLN A 72 -7.75 -26.67 23.81
N PRO A 73 -8.86 -27.35 24.09
CA PRO A 73 -10.12 -26.70 24.41
C PRO A 73 -10.16 -25.77 25.59
N GLU A 74 -9.19 -25.90 26.50
CA GLU A 74 -9.00 -24.97 27.65
C GLU A 74 -8.31 -23.63 27.30
N GLN A 75 -7.60 -23.60 26.18
CA GLN A 75 -7.05 -22.37 25.65
C GLN A 75 -8.13 -21.62 24.89
N LYS A 76 -8.67 -20.59 25.52
CA LYS A 76 -9.84 -19.87 25.02
C LYS A 76 -9.41 -18.57 24.38
N PHE A 77 -9.86 -18.26 23.18
CA PHE A 77 -9.54 -16.95 22.58
C PHE A 77 -10.81 -16.17 22.37
N GLN A 78 -11.00 -15.62 21.16
CA GLN A 78 -12.09 -14.67 20.88
C GLN A 78 -13.39 -15.38 20.53
N LYS A 79 -14.50 -14.72 20.83
CA LYS A 79 -15.83 -15.07 20.32
C LYS A 79 -16.15 -14.48 18.96
N VAL A 80 -16.76 -15.30 18.12
CA VAL A 80 -17.12 -14.95 16.79
C VAL A 80 -18.36 -14.13 16.73
N LYS A 81 -18.28 -13.02 16.02
CA LYS A 81 -19.44 -12.23 15.69
C LYS A 81 -20.13 -12.85 14.47
N GLY A 82 -19.39 -13.19 13.41
CA GLY A 82 -20.02 -13.88 12.26
C GLY A 82 -19.44 -13.45 10.91
N PHE A 83 -20.22 -13.67 9.85
CA PHE A 83 -19.74 -13.69 8.49
C PHE A 83 -20.85 -13.13 7.63
N GLY A 84 -20.51 -12.39 6.59
CA GLY A 84 -21.50 -11.98 5.60
C GLY A 84 -20.86 -11.31 4.38
N GLY A 85 -21.59 -10.36 3.79
CA GLY A 85 -21.27 -9.70 2.53
C GLY A 85 -21.95 -8.34 2.54
N ALA A 86 -21.84 -7.57 1.46
CA ALA A 86 -22.29 -6.18 1.44
C ALA A 86 -23.47 -5.99 0.46
N MET A 87 -24.48 -5.25 0.88
CA MET A 87 -25.57 -4.97 -0.02
C MET A 87 -25.28 -3.58 -0.64
N THR A 88 -24.41 -3.55 -1.61
CA THR A 88 -24.19 -2.30 -2.34
C THR A 88 -25.33 -2.05 -3.32
N ASP A 89 -25.39 -0.82 -3.84
CA ASP A 89 -26.27 -0.54 -5.00
C ASP A 89 -26.06 -1.57 -6.13
N ALA A 90 -24.80 -1.89 -6.45
CA ALA A 90 -24.58 -2.91 -7.50
C ALA A 90 -25.15 -4.30 -7.18
N ALA A 91 -24.96 -4.75 -5.94
CA ALA A 91 -25.44 -6.07 -5.51
C ALA A 91 -26.97 -6.08 -5.64
N ALA A 92 -27.60 -5.03 -5.13
CA ALA A 92 -29.02 -4.94 -5.19
C ALA A 92 -29.52 -4.93 -6.67
N LEU A 93 -28.90 -4.15 -7.58
CA LEU A 93 -29.38 -4.07 -8.97
C LEU A 93 -29.22 -5.40 -9.67
N ASN A 94 -28.12 -6.08 -9.37
CA ASN A 94 -27.86 -7.40 -9.91
C ASN A 94 -28.82 -8.46 -9.40
N ILE A 95 -29.09 -8.47 -8.09
CA ILE A 95 -30.03 -9.45 -7.56
C ILE A 95 -31.42 -9.22 -8.18
N LEU A 96 -31.89 -7.97 -8.19
CA LEU A 96 -33.22 -7.68 -8.67
C LEU A 96 -33.43 -7.85 -10.20
N ALA A 97 -32.32 -7.97 -10.94
CA ALA A 97 -32.31 -8.25 -12.38
C ALA A 97 -32.79 -9.68 -12.69
N LEU A 98 -32.78 -10.55 -11.68
CA LEU A 98 -33.29 -11.91 -11.85
C LEU A 98 -34.81 -11.91 -11.73
N SER A 99 -35.47 -12.95 -12.27
CA SER A 99 -36.89 -13.21 -11.95
C SER A 99 -37.00 -13.45 -10.45
N PRO A 100 -38.20 -13.18 -9.87
CA PRO A 100 -38.38 -13.34 -8.43
C PRO A 100 -38.06 -14.70 -7.82
N PRO A 101 -38.40 -15.85 -8.49
CA PRO A 101 -38.03 -17.15 -7.92
C PRO A 101 -36.51 -17.36 -7.84
N ALA A 102 -35.78 -16.94 -8.88
CA ALA A 102 -34.29 -16.93 -8.87
C ALA A 102 -33.69 -15.96 -7.78
N GLN A 103 -34.35 -14.82 -7.54
CA GLN A 103 -33.94 -13.93 -6.47
C GLN A 103 -34.07 -14.63 -5.12
N ASN A 104 -35.19 -15.32 -4.93
CA ASN A 104 -35.39 -16.06 -3.69
C ASN A 104 -34.34 -17.13 -3.47
N LEU A 105 -33.97 -17.85 -4.50
CA LEU A 105 -32.95 -18.89 -4.36
C LEU A 105 -31.55 -18.27 -4.11
N LEU A 106 -31.29 -17.10 -4.68
CA LEU A 106 -29.99 -16.41 -4.47
C LEU A 106 -29.94 -15.99 -2.98
N LEU A 107 -31.01 -15.36 -2.50
CA LEU A 107 -31.09 -14.93 -1.08
C LEU A 107 -31.05 -16.10 -0.17
N LYS A 108 -31.72 -17.17 -0.56
CA LYS A 108 -31.67 -18.39 0.25
C LYS A 108 -30.28 -18.93 0.35
N SER A 109 -29.54 -18.92 -0.77
CA SER A 109 -28.17 -19.47 -0.79
C SER A 109 -27.34 -18.77 0.28
N TYR A 110 -27.54 -17.48 0.47
CA TYR A 110 -26.75 -16.80 1.49
C TYR A 110 -27.28 -16.89 2.93
N PHE A 111 -28.56 -16.62 3.12
CA PHE A 111 -29.13 -16.19 4.36
C PHE A 111 -29.90 -17.27 5.06
N SER A 112 -30.18 -18.34 4.33
CA SER A 112 -31.00 -19.37 4.90
C SER A 112 -30.12 -20.41 5.57
N GLU A 113 -30.68 -21.14 6.55
CA GLU A 113 -30.01 -22.33 7.13
C GLU A 113 -29.86 -23.46 6.14
N GLU A 114 -30.63 -23.42 5.07
CA GLU A 114 -30.45 -24.39 3.99
C GLU A 114 -29.41 -23.89 2.93
N GLY A 115 -28.97 -22.64 3.11
CA GLY A 115 -27.83 -22.11 2.40
C GLY A 115 -26.64 -22.07 3.37
N ILE A 116 -25.88 -20.96 3.38
CA ILE A 116 -24.66 -20.88 4.16
C ILE A 116 -24.72 -19.95 5.39
N GLY A 117 -25.91 -19.43 5.66
CA GLY A 117 -26.19 -18.91 6.99
C GLY A 117 -25.49 -17.61 7.34
N TYR A 118 -25.33 -16.69 6.38
CA TYR A 118 -24.75 -15.37 6.62
C TYR A 118 -25.49 -14.75 7.77
N ASN A 119 -24.80 -13.99 8.63
CA ASN A 119 -25.52 -13.29 9.70
C ASN A 119 -25.06 -11.79 9.79
N ILE A 120 -24.34 -11.36 8.76
CA ILE A 120 -23.87 -9.97 8.70
C ILE A 120 -24.14 -9.35 7.31
N ILE A 121 -24.71 -8.14 7.29
CA ILE A 121 -24.78 -7.45 6.04
C ILE A 121 -24.17 -6.06 6.20
N ARG A 122 -23.29 -5.65 5.26
CA ARG A 122 -22.69 -4.31 5.36
C ARG A 122 -23.47 -3.49 4.39
N VAL A 123 -23.80 -2.27 4.80
CA VAL A 123 -24.67 -1.38 4.05
C VAL A 123 -23.99 -0.04 3.98
N PRO A 124 -23.69 0.44 2.75
CA PRO A 124 -23.03 1.73 2.60
C PRO A 124 -23.96 2.84 2.90
N MET A 125 -23.47 3.88 3.54
CA MET A 125 -24.30 5.06 3.73
C MET A 125 -24.20 5.90 2.47
N ALA A 126 -25.22 5.79 1.60
CA ALA A 126 -25.28 6.43 0.28
C ALA A 126 -24.25 5.84 -0.72
N SER A 127 -23.71 6.65 -1.65
CA SER A 127 -23.05 6.06 -2.83
C SER A 127 -21.56 5.75 -2.62
N CYS A 128 -21.14 4.62 -3.20
CA CYS A 128 -19.73 4.27 -3.29
C CYS A 128 -19.31 4.03 -4.78
N ASP A 129 -18.14 3.44 -5.01
CA ASP A 129 -17.78 3.14 -6.40
C ASP A 129 -18.76 2.11 -6.98
N PHE A 130 -19.26 1.19 -6.14
CA PHE A 130 -20.31 0.23 -6.60
C PHE A 130 -21.74 0.77 -6.58
N SER A 131 -21.89 1.94 -7.20
CA SER A 131 -23.13 2.66 -7.38
C SER A 131 -23.19 3.10 -8.83
N ILE A 132 -24.37 3.33 -9.39
CA ILE A 132 -24.40 3.89 -10.74
C ILE A 132 -24.69 5.41 -10.79
N ARG A 133 -25.01 6.03 -9.66
CA ARG A 133 -24.97 7.49 -9.58
C ARG A 133 -24.38 8.00 -8.27
N THR A 134 -23.99 9.25 -8.32
CA THR A 134 -23.24 9.89 -7.29
C THR A 134 -24.29 10.66 -6.52
N TYR A 135 -24.46 10.31 -5.24
CA TYR A 135 -25.42 11.00 -4.38
C TYR A 135 -24.98 10.86 -2.91
N THR A 136 -25.40 11.82 -2.08
CA THR A 136 -25.39 11.62 -0.61
C THR A 136 -26.86 11.77 -0.17
N TYR A 137 -27.14 11.68 1.13
CA TYR A 137 -28.51 11.79 1.66
C TYR A 137 -28.90 13.27 1.97
N ALA A 138 -27.95 14.19 1.80
CA ALA A 138 -28.17 15.60 2.07
C ALA A 138 -27.42 16.44 1.06
N ASP A 139 -27.83 16.36 -0.20
CA ASP A 139 -27.03 17.03 -1.24
C ASP A 139 -27.30 18.55 -1.36
N THR A 140 -28.41 19.01 -0.76
CA THR A 140 -28.77 20.44 -0.72
C THR A 140 -27.72 21.18 0.10
N PRO A 141 -26.97 22.07 -0.56
CA PRO A 141 -25.85 22.84 -0.03
C PRO A 141 -26.19 23.65 1.22
N ASP A 142 -25.27 23.61 2.18
CA ASP A 142 -25.28 24.38 3.42
C ASP A 142 -26.42 24.05 4.33
N ASP A 143 -26.91 22.81 4.31
CA ASP A 143 -28.07 22.41 5.12
C ASP A 143 -27.62 21.86 6.49
N PHE A 144 -26.94 22.72 7.25
CA PHE A 144 -26.28 22.30 8.48
C PHE A 144 -27.24 21.61 9.45
N GLN A 145 -28.50 21.98 9.36
CA GLN A 145 -29.56 21.37 10.19
C GLN A 145 -30.07 20.03 9.64
N LEU A 146 -29.71 19.70 8.39
CA LEU A 146 -30.10 18.39 7.76
C LEU A 146 -31.64 18.19 7.63
N HIS A 147 -32.34 19.30 7.31
CA HIS A 147 -33.81 19.27 7.15
C HIS A 147 -34.13 18.50 5.87
N ASN A 148 -33.27 18.67 4.88
CA ASN A 148 -33.45 18.03 3.62
C ASN A 148 -32.70 16.68 3.51
N PHE A 149 -32.47 16.02 4.64
CA PHE A 149 -31.86 14.67 4.68
C PHE A 149 -32.91 13.68 4.26
N SER A 150 -32.56 12.85 3.29
CA SER A 150 -33.52 11.96 2.65
C SER A 150 -32.89 10.64 2.13
N LEU A 151 -33.50 9.51 2.38
CA LEU A 151 -33.13 8.29 1.65
C LEU A 151 -33.74 8.25 0.24
N PRO A 152 -32.93 7.98 -0.78
CA PRO A 152 -33.54 7.95 -2.10
C PRO A 152 -33.97 6.52 -2.41
N GLU A 153 -34.46 6.27 -3.61
CA GLU A 153 -34.93 4.95 -4.02
C GLU A 153 -33.89 3.86 -3.99
N GLU A 154 -32.60 4.22 -4.06
CA GLU A 154 -31.58 3.18 -4.00
C GLU A 154 -31.73 2.47 -2.69
N ASP A 155 -32.04 3.22 -1.64
CA ASP A 155 -32.34 2.62 -0.34
C ASP A 155 -33.78 2.10 -0.23
N THR A 156 -34.77 2.96 -0.49
CA THR A 156 -36.15 2.61 -0.12
C THR A 156 -36.77 1.57 -1.08
N LYS A 157 -36.43 1.59 -2.37
CA LYS A 157 -36.97 0.56 -3.28
C LYS A 157 -36.01 -0.62 -3.53
N LEU A 158 -34.71 -0.47 -3.30
CA LEU A 158 -33.73 -1.53 -3.62
C LEU A 158 -33.10 -2.19 -2.40
N LYS A 159 -32.28 -1.47 -1.64
CA LYS A 159 -31.53 -2.09 -0.58
C LYS A 159 -32.44 -2.56 0.57
N ILE A 160 -33.23 -1.65 1.09
CA ILE A 160 -34.06 -1.93 2.24
C ILE A 160 -35.04 -3.10 2.03
N PRO A 161 -35.77 -3.13 0.89
CA PRO A 161 -36.59 -4.32 0.70
C PRO A 161 -35.76 -5.60 0.51
N LEU A 162 -34.57 -5.51 -0.02
CA LEU A 162 -33.79 -6.78 -0.12
C LEU A 162 -33.28 -7.23 1.26
N ILE A 163 -32.94 -6.25 2.11
CA ILE A 163 -32.46 -6.61 3.44
C ILE A 163 -33.57 -7.21 4.28
N HIS A 164 -34.77 -6.64 4.20
CA HIS A 164 -35.92 -7.26 4.83
C HIS A 164 -36.12 -8.72 4.43
N ARG A 165 -36.09 -9.00 3.14
CA ARG A 165 -36.20 -10.39 2.66
C ARG A 165 -35.08 -11.32 3.15
N ALA A 166 -33.86 -10.78 3.33
CA ALA A 166 -32.75 -11.58 3.85
C ALA A 166 -33.00 -11.90 5.32
N LEU A 167 -33.53 -10.91 6.04
CA LEU A 167 -33.94 -11.15 7.45
C LEU A 167 -35.03 -12.20 7.61
N GLN A 168 -36.04 -12.21 6.73
CA GLN A 168 -37.12 -13.17 6.83
C GLN A 168 -36.58 -14.56 6.56
N LEU A 169 -35.73 -14.72 5.53
CA LEU A 169 -35.09 -16.03 5.27
C LEU A 169 -34.27 -16.56 6.44
N ALA A 170 -33.48 -15.69 7.12
CA ALA A 170 -32.58 -16.16 8.22
C ALA A 170 -33.28 -16.60 9.48
N GLN A 171 -32.79 -17.69 10.06
CA GLN A 171 -33.21 -18.19 11.40
C GLN A 171 -32.36 -17.53 12.47
N ARG A 172 -31.07 -17.38 12.15
CA ARG A 172 -30.07 -16.70 12.93
C ARG A 172 -30.34 -15.22 12.92
N PRO A 173 -30.07 -14.51 14.04
CA PRO A 173 -30.20 -13.04 14.01
C PRO A 173 -29.08 -12.45 13.15
N VAL A 174 -29.43 -11.46 12.35
CA VAL A 174 -28.54 -10.95 11.37
C VAL A 174 -28.19 -9.55 11.85
N SER A 175 -26.89 -9.21 11.83
CA SER A 175 -26.41 -7.89 12.27
C SER A 175 -26.14 -7.01 11.10
N LEU A 176 -26.58 -5.76 11.12
CA LEU A 176 -26.28 -4.80 10.03
C LEU A 176 -25.07 -3.92 10.46
N LEU A 177 -24.18 -3.62 9.53
CA LEU A 177 -22.99 -2.77 9.73
C LEU A 177 -23.11 -1.65 8.69
N ALA A 178 -23.03 -0.37 9.07
CA ALA A 178 -23.02 0.69 8.06
C ALA A 178 -21.68 1.39 7.92
N SER A 179 -21.35 1.86 6.71
CA SER A 179 -20.13 2.63 6.52
C SER A 179 -20.34 3.73 5.51
N PRO A 180 -19.82 4.92 5.78
CA PRO A 180 -19.92 5.96 4.78
C PRO A 180 -18.66 6.04 3.85
N TRP A 181 -18.83 6.39 2.60
CA TRP A 181 -17.68 6.68 1.72
C TRP A 181 -17.43 8.18 1.70
N THR A 182 -18.45 8.98 1.40
CA THR A 182 -18.24 10.42 1.44
C THR A 182 -19.36 11.12 2.18
N SER A 183 -19.06 12.30 2.69
CA SER A 183 -20.08 13.26 3.16
C SER A 183 -20.60 14.06 1.99
N PRO A 184 -21.74 14.78 2.17
CA PRO A 184 -22.10 15.88 1.23
C PRO A 184 -20.88 16.69 0.82
N THR A 185 -20.78 17.14 -0.43
CA THR A 185 -19.55 17.84 -0.86
C THR A 185 -19.44 19.22 -0.15
N TRP A 186 -20.54 19.76 0.34
CA TRP A 186 -20.46 21.10 0.95
C TRP A 186 -19.84 21.03 2.36
N LEU A 187 -19.65 19.82 2.93
CA LEU A 187 -18.86 19.68 4.19
C LEU A 187 -17.35 19.46 3.91
N LYS A 188 -16.95 19.30 2.65
CA LYS A 188 -15.57 18.93 2.35
C LYS A 188 -14.70 20.08 1.90
N THR A 189 -13.39 20.02 2.20
CA THR A 189 -12.37 20.98 1.83
C THR A 189 -12.19 21.19 0.31
N ASN A 190 -12.44 20.16 -0.49
CA ASN A 190 -12.25 20.19 -1.93
C ASN A 190 -13.56 20.26 -2.64
N GLY A 191 -14.68 20.21 -1.95
CA GLY A 191 -15.97 20.41 -2.63
C GLY A 191 -16.33 19.39 -3.71
N ALA A 192 -15.83 18.16 -3.55
CA ALA A 192 -16.06 17.06 -4.47
C ALA A 192 -16.16 15.69 -3.74
N VAL A 193 -16.85 14.72 -4.33
CA VAL A 193 -17.06 13.43 -3.66
C VAL A 193 -15.80 12.58 -3.64
N ASN A 194 -14.85 12.85 -4.54
CA ASN A 194 -13.64 12.11 -4.65
C ASN A 194 -12.42 13.01 -4.52
N GLY A 195 -11.21 12.50 -4.75
CA GLY A 195 -10.03 13.35 -4.67
C GLY A 195 -9.54 13.52 -3.25
N LYS A 196 -8.43 14.25 -3.09
CA LYS A 196 -7.85 14.48 -1.76
C LYS A 196 -8.68 15.53 -1.05
N GLY A 197 -9.13 15.23 0.14
CA GLY A 197 -10.01 16.21 0.79
C GLY A 197 -10.67 15.66 1.99
N SER A 198 -10.81 16.52 2.97
CA SER A 198 -11.36 16.09 4.19
C SER A 198 -12.48 17.03 4.60
N LEU A 199 -13.06 16.80 5.79
CA LEU A 199 -14.09 17.65 6.29
C LEU A 199 -13.47 19.03 6.50
N LYS A 200 -14.19 20.10 6.21
CA LYS A 200 -13.72 21.47 6.49
C LYS A 200 -13.57 21.67 7.99
N GLY A 201 -12.68 22.58 8.37
CA GLY A 201 -12.49 22.97 9.78
C GLY A 201 -11.82 21.93 10.64
N GLN A 202 -12.27 21.78 11.88
CA GLN A 202 -11.60 20.92 12.83
C GLN A 202 -12.65 20.20 13.69
N PRO A 203 -12.36 18.97 14.12
CA PRO A 203 -13.29 18.29 15.03
C PRO A 203 -13.86 19.19 16.10
N GLY A 204 -15.13 19.03 16.37
CA GLY A 204 -15.79 19.94 17.37
C GLY A 204 -16.49 21.14 16.75
N ASP A 205 -16.24 21.46 15.48
CA ASP A 205 -16.87 22.65 14.91
C ASP A 205 -18.21 22.31 14.21
N ILE A 206 -18.83 23.28 13.55
CA ILE A 206 -20.09 23.04 12.85
C ILE A 206 -20.03 21.96 11.73
N TYR A 207 -18.95 21.88 10.98
CA TYR A 207 -18.92 20.84 9.95
C TYR A 207 -18.91 19.45 10.55
N HIS A 208 -18.17 19.28 11.63
CA HIS A 208 -18.04 17.96 12.26
C HIS A 208 -19.30 17.55 13.03
N GLN A 209 -20.05 18.52 13.56
CA GLN A 209 -21.20 18.20 14.33
C GLN A 209 -22.29 17.81 13.31
N THR A 210 -22.33 18.51 12.17
CA THR A 210 -23.26 18.16 11.13
C THR A 210 -23.00 16.75 10.59
N TRP A 211 -21.72 16.41 10.36
CA TRP A 211 -21.37 15.10 9.80
C TRP A 211 -21.80 14.03 10.80
N ALA A 212 -21.51 14.25 12.08
CA ALA A 212 -21.91 13.31 13.13
C ALA A 212 -23.44 13.22 13.19
N ARG A 213 -24.15 14.35 13.07
CA ARG A 213 -25.65 14.21 13.03
C ARG A 213 -26.16 13.41 11.82
N TYR A 214 -25.39 13.43 10.74
CA TYR A 214 -25.78 12.69 9.57
C TYR A 214 -25.83 11.18 9.88
N PHE A 215 -24.96 10.69 10.73
CA PHE A 215 -25.03 9.26 11.08
C PHE A 215 -26.33 8.99 11.80
N VAL A 216 -26.71 9.86 12.75
CA VAL A 216 -27.93 9.65 13.53
C VAL A 216 -29.17 9.74 12.62
N LYS A 217 -29.11 10.64 11.62
CA LYS A 217 -30.23 10.79 10.68
C LYS A 217 -30.41 9.54 9.81
N PHE A 218 -29.27 8.97 9.44
CA PHE A 218 -29.20 7.72 8.69
C PHE A 218 -29.83 6.59 9.51
N LEU A 219 -29.49 6.50 10.82
CA LEU A 219 -29.98 5.46 11.66
C LEU A 219 -31.47 5.71 11.89
N ASP A 220 -31.86 6.98 11.91
CA ASP A 220 -33.30 7.31 12.09
C ASP A 220 -34.11 6.77 10.92
N ALA A 221 -33.65 7.08 9.71
CA ALA A 221 -34.38 6.83 8.48
C ALA A 221 -34.51 5.31 8.31
N TYR A 222 -33.44 4.59 8.64
CA TYR A 222 -33.47 3.16 8.50
C TYR A 222 -34.39 2.56 9.55
N ALA A 223 -34.34 3.10 10.77
CA ALA A 223 -35.24 2.58 11.83
C ALA A 223 -36.74 2.81 11.47
N GLU A 224 -37.06 3.92 10.83
CA GLU A 224 -38.39 4.13 10.24
C GLU A 224 -38.76 3.04 9.23
N HIS A 225 -37.75 2.33 8.72
CA HIS A 225 -38.08 1.29 7.75
C HIS A 225 -37.85 -0.02 8.47
N LYS A 226 -37.85 0.03 9.81
CA LYS A 226 -37.76 -1.17 10.67
C LYS A 226 -36.44 -2.01 10.56
N LEU A 227 -35.34 -1.31 10.34
CA LEU A 227 -34.01 -1.92 10.29
C LEU A 227 -33.19 -1.23 11.38
N GLN A 228 -32.51 -2.02 12.23
CA GLN A 228 -31.63 -1.53 13.29
C GLN A 228 -30.16 -1.96 12.97
N PHE A 229 -29.19 -1.17 13.39
CA PHE A 229 -27.81 -1.50 13.19
C PHE A 229 -27.09 -2.10 14.37
N TRP A 230 -26.30 -3.10 14.08
CA TRP A 230 -25.40 -3.61 15.09
C TRP A 230 -24.24 -2.62 15.27
N ALA A 231 -23.73 -2.08 14.17
CA ALA A 231 -22.48 -1.31 14.25
C ALA A 231 -22.37 -0.32 13.13
N VAL A 232 -21.64 0.79 13.30
CA VAL A 232 -21.25 1.62 12.12
C VAL A 232 -19.73 1.79 12.16
N THR A 233 -19.09 2.01 11.03
CA THR A 233 -17.69 2.40 11.01
C THR A 233 -17.58 3.91 10.87
N ALA A 234 -16.48 4.48 11.34
CA ALA A 234 -16.38 5.94 11.45
C ALA A 234 -16.16 6.51 10.07
N GLU A 235 -15.74 5.67 9.14
CA GLU A 235 -15.41 6.10 7.74
C GLU A 235 -14.85 4.91 6.98
N ASN A 236 -15.34 4.70 5.78
CA ASN A 236 -14.69 3.64 4.95
C ASN A 236 -13.32 4.14 4.43
N GLU A 237 -12.28 3.37 4.67
CA GLU A 237 -10.93 3.67 4.19
C GLU A 237 -10.57 5.15 4.30
N PRO A 238 -10.43 5.60 5.53
CA PRO A 238 -10.16 7.07 5.66
C PRO A 238 -8.83 7.52 5.02
N SER A 239 -7.91 6.60 4.78
CA SER A 239 -6.62 6.99 4.18
C SER A 239 -6.78 7.33 2.69
N ALA A 240 -7.80 6.75 2.05
CA ALA A 240 -8.13 7.09 0.65
C ALA A 240 -8.17 8.59 0.41
N GLY A 241 -8.91 9.32 1.21
CA GLY A 241 -9.05 10.77 1.01
C GLY A 241 -7.78 11.53 1.33
N LEU A 242 -6.68 10.86 1.70
CA LEU A 242 -5.40 11.59 1.84
C LEU A 242 -4.62 11.58 0.53
N LEU A 243 -5.16 10.83 -0.42
CA LEU A 243 -4.44 10.42 -1.60
C LEU A 243 -4.94 11.26 -2.75
N SER A 244 -4.01 12.04 -3.28
CA SER A 244 -4.30 13.03 -4.26
C SER A 244 -4.80 12.35 -5.57
N GLY A 245 -5.90 12.84 -6.14
CA GLY A 245 -6.58 12.25 -7.30
C GLY A 245 -7.48 11.01 -7.06
N TYR A 246 -7.62 10.59 -5.79
CA TYR A 246 -8.41 9.41 -5.42
C TYR A 246 -9.74 9.41 -6.21
N PRO A 247 -9.96 8.36 -6.98
CA PRO A 247 -10.91 8.48 -8.06
C PRO A 247 -12.42 8.34 -7.72
N PHE A 248 -12.80 7.86 -6.54
CA PHE A 248 -14.23 7.67 -6.29
C PHE A 248 -14.51 8.14 -4.91
N GLN A 249 -15.73 7.97 -4.43
CA GLN A 249 -16.11 8.61 -3.15
C GLN A 249 -15.18 8.29 -1.97
N CYS A 250 -14.79 9.32 -1.22
CA CYS A 250 -13.93 9.13 -0.06
C CYS A 250 -13.95 10.36 0.82
N LEU A 251 -13.31 10.29 1.97
CA LEU A 251 -13.32 11.40 2.92
C LEU A 251 -12.10 11.12 3.81
N GLY A 252 -11.03 11.89 3.64
CA GLY A 252 -9.74 11.61 4.31
C GLY A 252 -9.64 11.99 5.78
N PHE A 253 -9.14 11.08 6.59
CA PHE A 253 -8.79 11.37 8.01
C PHE A 253 -7.44 10.79 8.26
N THR A 254 -6.58 11.61 8.85
CA THR A 254 -5.39 11.07 9.54
C THR A 254 -5.87 10.39 10.81
N PRO A 255 -5.01 9.60 11.45
CA PRO A 255 -5.48 8.96 12.69
C PRO A 255 -5.80 9.95 13.82
N GLU A 256 -5.10 11.08 13.84
CA GLU A 256 -5.35 12.13 14.86
C GLU A 256 -6.69 12.72 14.56
N HIS A 257 -6.92 13.00 13.30
CA HIS A 257 -8.23 13.51 12.87
C HIS A 257 -9.40 12.56 13.26
N GLN A 258 -9.25 11.26 12.99
CA GLN A 258 -10.30 10.30 13.40
C GLN A 258 -10.52 10.30 14.91
N ARG A 259 -9.40 10.30 15.67
CA ARG A 259 -9.44 10.36 17.17
C ARG A 259 -10.29 11.52 17.65
N ASP A 260 -10.02 12.73 17.14
CA ASP A 260 -10.69 13.89 17.70
C ASP A 260 -12.13 13.92 17.21
N PHE A 261 -12.40 13.46 15.99
CA PHE A 261 -13.79 13.40 15.47
C PHE A 261 -14.63 12.43 16.28
N ILE A 262 -14.10 11.25 16.54
CA ILE A 262 -14.84 10.29 17.38
C ILE A 262 -14.95 10.92 18.80
N ALA A 263 -13.86 11.43 19.39
CA ALA A 263 -13.99 11.99 20.76
C ALA A 263 -14.96 13.19 20.90
N ARG A 264 -14.92 14.13 19.95
CA ARG A 264 -15.66 15.38 20.14
C ARG A 264 -17.09 15.37 19.56
N ASP A 265 -17.30 14.67 18.42
CA ASP A 265 -18.51 14.75 17.61
C ASP A 265 -19.22 13.40 17.54
N LEU A 266 -18.59 12.44 16.87
CA LEU A 266 -19.30 11.16 16.59
C LEU A 266 -19.66 10.34 17.79
N GLY A 267 -18.75 10.11 18.71
CA GLY A 267 -19.06 9.42 19.97
C GLY A 267 -20.21 9.99 20.79
N PRO A 268 -20.05 11.23 21.30
CA PRO A 268 -21.14 11.89 22.02
C PRO A 268 -22.43 11.96 21.23
N THR A 269 -22.39 12.28 19.93
CA THR A 269 -23.66 12.39 19.19
C THR A 269 -24.43 11.06 19.16
N LEU A 270 -23.72 9.94 18.92
CA LEU A 270 -24.32 8.61 19.00
C LEU A 270 -24.83 8.25 20.43
N ALA A 271 -24.02 8.50 21.44
CA ALA A 271 -24.41 8.16 22.84
C ALA A 271 -25.62 8.93 23.35
N ASN A 272 -25.87 10.14 22.83
CA ASN A 272 -27.03 10.94 23.21
C ASN A 272 -28.22 10.75 22.25
N SER A 273 -28.22 9.70 21.45
CA SER A 273 -29.32 9.49 20.53
C SER A 273 -30.11 8.27 21.00
N THR A 274 -31.27 8.03 20.42
CA THR A 274 -31.98 6.79 20.65
C THR A 274 -31.12 5.56 20.17
N HIS A 275 -30.03 5.85 19.45
CA HIS A 275 -29.17 4.79 18.90
C HIS A 275 -27.89 4.49 19.68
N HIS A 276 -27.88 4.84 20.98
CA HIS A 276 -26.69 4.66 21.80
C HIS A 276 -26.19 3.21 21.83
N ASN A 277 -27.05 2.20 21.58
CA ASN A 277 -26.51 0.80 21.56
C ASN A 277 -25.81 0.37 20.29
N VAL A 278 -25.88 1.16 19.24
CA VAL A 278 -25.15 0.81 18.00
C VAL A 278 -23.63 0.84 18.27
N ARG A 279 -22.87 -0.20 17.96
CA ARG A 279 -21.42 -0.12 18.22
C ARG A 279 -20.68 0.81 17.19
N LEU A 280 -19.67 1.54 17.63
CA LEU A 280 -18.77 2.26 16.71
C LEU A 280 -17.46 1.47 16.45
N LEU A 281 -17.15 1.23 15.17
CA LEU A 281 -15.86 0.64 14.80
C LEU A 281 -14.93 1.67 14.15
N MET A 282 -13.65 1.69 14.51
CA MET A 282 -12.71 2.64 13.93
C MET A 282 -11.89 1.93 12.85
N LEU A 283 -11.05 2.74 12.18
CA LEU A 283 -10.20 2.34 11.08
C LEU A 283 -10.92 1.94 9.74
N ASP A 284 -11.51 0.75 9.62
CA ASP A 284 -12.17 0.35 8.36
C ASP A 284 -11.16 0.51 7.18
N ASP A 285 -9.94 -0.04 7.38
CA ASP A 285 -8.79 0.26 6.53
C ASP A 285 -7.75 -0.88 6.55
N GLN A 286 -6.65 -0.69 5.81
CA GLN A 286 -5.62 -1.76 5.64
C GLN A 286 -5.05 -2.09 6.99
N ARG A 287 -4.76 -3.37 7.22
CA ARG A 287 -4.18 -3.71 8.53
C ARG A 287 -2.72 -3.22 8.78
N LEU A 288 -1.98 -2.86 7.72
CA LEU A 288 -0.69 -2.22 7.88
C LEU A 288 -0.80 -0.90 8.71
N LEU A 289 -2.02 -0.37 8.92
CA LEU A 289 -2.19 0.89 9.71
C LEU A 289 -2.16 0.54 11.20
N LEU A 290 -2.14 -0.76 11.48
CA LEU A 290 -2.11 -1.29 12.85
C LEU A 290 -0.69 -1.70 13.17
N PRO A 291 -0.22 -1.49 14.42
CA PRO A 291 -0.99 -0.97 15.51
C PRO A 291 -0.95 0.56 15.64
N HIS A 292 -0.27 1.28 14.76
CA HIS A 292 -0.21 2.76 14.87
C HIS A 292 -1.53 3.52 15.06
N TRP A 293 -2.51 3.27 14.19
CA TRP A 293 -3.87 3.90 14.36
C TRP A 293 -4.61 3.57 15.66
N ALA A 294 -4.55 2.31 16.11
CA ALA A 294 -5.07 1.87 17.40
C ALA A 294 -4.40 2.65 18.55
N LYS A 295 -3.07 2.77 18.51
CA LYS A 295 -2.38 3.65 19.44
C LYS A 295 -2.85 5.13 19.40
N VAL A 296 -2.97 5.72 18.23
CA VAL A 296 -3.31 7.14 18.23
C VAL A 296 -4.71 7.37 18.81
N VAL A 297 -5.66 6.56 18.39
CA VAL A 297 -7.04 6.67 18.87
C VAL A 297 -7.32 6.13 20.31
N LEU A 298 -6.76 4.97 20.67
CA LEU A 298 -7.22 4.29 21.90
C LEU A 298 -6.40 4.66 23.14
N THR A 299 -5.32 5.43 22.95
CA THR A 299 -4.62 5.95 24.10
C THR A 299 -5.23 7.32 24.54
N ASP A 300 -6.27 7.80 23.85
CA ASP A 300 -6.96 9.02 24.27
C ASP A 300 -8.24 8.52 24.91
N PRO A 301 -8.34 8.58 26.26
CA PRO A 301 -9.48 8.00 26.95
C PRO A 301 -10.81 8.61 26.52
N GLU A 302 -10.79 9.81 25.97
CA GLU A 302 -12.04 10.39 25.45
C GLU A 302 -12.52 9.75 24.15
N ALA A 303 -11.64 9.26 23.29
CA ALA A 303 -12.06 8.54 22.10
C ALA A 303 -12.22 7.09 22.49
N ALA A 304 -11.37 6.56 23.36
CA ALA A 304 -11.47 5.14 23.69
C ALA A 304 -12.80 4.71 24.25
N LYS A 305 -13.42 5.60 25.04
CA LYS A 305 -14.68 5.25 25.67
C LYS A 305 -15.83 4.99 24.67
N TYR A 306 -15.64 5.35 23.39
CA TYR A 306 -16.67 5.16 22.35
C TYR A 306 -16.41 4.09 21.32
N VAL A 307 -15.18 3.59 21.26
CA VAL A 307 -14.75 2.72 20.19
C VAL A 307 -14.93 1.28 20.69
N HIS A 308 -15.82 0.55 20.05
CA HIS A 308 -16.05 -0.85 20.36
C HIS A 308 -15.07 -1.74 19.61
N GLY A 309 -14.64 -1.35 18.42
CA GLY A 309 -13.69 -2.20 17.75
C GLY A 309 -12.97 -1.53 16.60
N ILE A 310 -12.16 -2.35 15.92
CA ILE A 310 -11.36 -1.94 14.81
C ILE A 310 -11.72 -2.81 13.60
N ALA A 311 -12.00 -2.18 12.48
CA ALA A 311 -12.36 -2.90 11.26
C ALA A 311 -11.15 -2.86 10.31
N VAL A 312 -10.85 -4.00 9.65
CA VAL A 312 -9.77 -4.03 8.70
C VAL A 312 -10.17 -4.57 7.30
N HIS A 313 -9.50 -4.03 6.27
CA HIS A 313 -9.68 -4.48 4.91
C HIS A 313 -8.44 -5.28 4.53
N TRP A 314 -8.54 -6.16 3.54
CA TRP A 314 -7.50 -7.19 3.39
C TRP A 314 -6.46 -6.86 2.31
N TYR A 315 -6.60 -5.68 1.69
CA TYR A 315 -6.05 -5.49 0.37
C TYR A 315 -4.55 -5.38 0.36
N LEU A 316 -3.98 -4.73 1.38
CA LEU A 316 -2.54 -4.74 1.43
C LEU A 316 -1.95 -5.78 2.39
N ASP A 317 -2.61 -6.93 2.52
CA ASP A 317 -2.16 -7.96 3.48
C ASP A 317 -0.70 -8.40 3.27
N PHE A 318 -0.28 -8.47 2.01
CA PHE A 318 1.07 -8.90 1.63
C PHE A 318 2.22 -8.00 2.19
N LEU A 319 1.92 -6.72 2.46
CA LEU A 319 2.78 -5.77 3.16
C LEU A 319 2.62 -5.87 4.71
N ALA A 320 1.72 -6.72 5.24
CA ALA A 320 1.41 -6.67 6.68
C ALA A 320 1.31 -8.07 7.31
N PRO A 321 2.43 -8.65 7.72
CA PRO A 321 2.37 -9.93 8.48
C PRO A 321 1.39 -9.79 9.64
N ALA A 322 0.55 -10.80 9.84
CA ALA A 322 -0.57 -10.79 10.79
C ALA A 322 -0.15 -10.57 12.24
N LYS A 323 0.97 -11.18 12.64
CA LYS A 323 1.44 -11.09 13.99
C LYS A 323 1.82 -9.61 14.33
N ALA A 324 2.45 -8.91 13.39
CA ALA A 324 2.96 -7.57 13.67
C ALA A 324 1.86 -6.51 13.68
N THR A 325 0.68 -6.84 13.14
CA THR A 325 -0.41 -5.88 12.94
C THR A 325 -1.60 -6.28 13.86
N LEU A 326 -2.36 -7.29 13.44
CA LEU A 326 -3.39 -7.95 14.26
C LEU A 326 -2.83 -8.43 15.59
N GLY A 327 -1.75 -9.20 15.59
CA GLY A 327 -1.28 -9.77 16.87
C GLY A 327 -0.90 -8.69 17.87
N GLU A 328 -0.09 -7.77 17.43
CA GLU A 328 0.44 -6.71 18.25
C GLU A 328 -0.69 -5.81 18.74
N THR A 329 -1.74 -5.67 17.93
CA THR A 329 -2.86 -4.82 18.30
C THR A 329 -3.68 -5.49 19.41
N HIS A 330 -3.83 -6.79 19.32
CA HIS A 330 -4.61 -7.54 20.30
C HIS A 330 -3.82 -7.55 21.61
N ARG A 331 -2.50 -7.73 21.51
CA ARG A 331 -1.64 -7.67 22.68
C ARG A 331 -1.80 -6.32 23.43
N LEU A 332 -1.72 -5.23 22.70
CA LEU A 332 -1.84 -3.93 23.32
C LEU A 332 -3.27 -3.57 23.72
N PHE A 333 -4.26 -4.03 22.97
CA PHE A 333 -5.63 -3.57 23.20
C PHE A 333 -6.59 -4.75 23.12
N PRO A 334 -6.46 -5.75 24.02
CA PRO A 334 -7.25 -6.99 23.80
C PRO A 334 -8.72 -6.84 23.99
N ASN A 335 -9.12 -5.75 24.59
CA ASN A 335 -10.55 -5.56 24.87
C ASN A 335 -11.28 -4.90 23.73
N THR A 336 -10.56 -4.50 22.67
CA THR A 336 -11.19 -3.84 21.52
C THR A 336 -11.17 -4.83 20.37
N MET A 337 -12.32 -5.33 20.00
CA MET A 337 -12.38 -6.36 18.98
C MET A 337 -11.88 -5.95 17.59
N LEU A 338 -11.20 -6.90 16.95
CA LEU A 338 -10.76 -6.83 15.58
C LEU A 338 -11.80 -7.49 14.68
N PHE A 339 -12.15 -6.82 13.58
CA PHE A 339 -13.21 -7.30 12.69
C PHE A 339 -12.79 -7.02 11.26
N ALA A 340 -12.90 -8.03 10.40
CA ALA A 340 -12.61 -7.87 8.95
C ALA A 340 -13.84 -7.45 8.22
N SER A 341 -13.86 -6.20 7.75
CA SER A 341 -15.08 -5.62 7.20
C SER A 341 -15.23 -5.62 5.67
N GLU A 342 -14.20 -5.95 4.94
CA GLU A 342 -14.31 -5.82 3.47
C GLU A 342 -13.19 -6.58 2.77
N ALA A 343 -13.56 -7.40 1.80
CA ALA A 343 -12.56 -8.09 1.02
C ALA A 343 -13.21 -8.44 -0.33
N CYS A 344 -12.44 -8.36 -1.43
CA CYS A 344 -12.78 -8.99 -2.74
C CYS A 344 -11.49 -9.23 -3.47
N VAL A 345 -11.51 -10.14 -4.45
CA VAL A 345 -10.35 -10.38 -5.36
C VAL A 345 -10.70 -9.74 -6.69
N GLY A 346 -9.72 -9.64 -7.56
CA GLY A 346 -9.91 -9.19 -8.88
C GLY A 346 -9.64 -7.72 -9.01
N SER A 347 -9.32 -7.04 -7.91
CA SER A 347 -9.27 -5.59 -7.99
C SER A 347 -7.94 -5.03 -8.50
N LYS A 348 -6.89 -5.84 -8.63
CA LYS A 348 -5.64 -5.29 -9.13
C LYS A 348 -5.68 -4.98 -10.60
N PHE A 349 -5.15 -3.81 -10.97
CA PHE A 349 -5.11 -3.30 -12.37
C PHE A 349 -4.85 -4.37 -13.41
N TRP A 350 -3.89 -5.22 -13.15
CA TRP A 350 -3.53 -6.28 -14.11
C TRP A 350 -4.23 -7.63 -13.99
N GLU A 351 -5.07 -7.86 -12.97
CA GLU A 351 -5.89 -9.10 -12.93
C GLU A 351 -7.22 -8.89 -13.66
N GLN A 352 -7.66 -9.92 -14.35
CA GLN A 352 -9.05 -10.11 -14.75
C GLN A 352 -10.00 -9.88 -13.54
N SER A 353 -11.04 -9.10 -13.74
CA SER A 353 -11.93 -8.82 -12.65
C SER A 353 -12.66 -10.07 -12.20
N VAL A 354 -13.23 -10.79 -13.14
CA VAL A 354 -14.07 -11.92 -12.79
C VAL A 354 -13.43 -13.12 -13.44
N ARG A 355 -13.09 -14.14 -12.66
CA ARG A 355 -12.61 -15.40 -13.25
C ARG A 355 -13.54 -16.55 -12.85
N LEU A 356 -14.60 -16.76 -13.59
CA LEU A 356 -15.58 -17.82 -13.27
C LEU A 356 -14.97 -19.19 -12.97
N GLY A 357 -15.02 -19.62 -11.71
CA GLY A 357 -14.63 -20.98 -11.34
C GLY A 357 -13.20 -21.07 -10.83
N SER A 358 -12.65 -19.95 -10.42
CA SER A 358 -11.26 -19.88 -9.95
C SER A 358 -11.22 -20.50 -8.56
N TRP A 359 -10.50 -21.59 -8.45
CA TRP A 359 -10.25 -22.22 -7.17
C TRP A 359 -9.24 -21.37 -6.38
N ASP A 360 -8.29 -20.81 -7.09
CA ASP A 360 -7.29 -19.96 -6.41
C ASP A 360 -8.00 -18.86 -5.60
N ARG A 361 -9.06 -18.29 -6.13
CA ARG A 361 -9.66 -17.14 -5.49
C ARG A 361 -10.41 -17.62 -4.25
N GLY A 362 -11.08 -18.77 -4.37
CA GLY A 362 -11.63 -19.47 -3.26
C GLY A 362 -10.61 -19.65 -2.16
N MET A 363 -9.43 -20.18 -2.47
CA MET A 363 -8.35 -20.35 -1.45
C MET A 363 -7.88 -19.09 -0.75
N GLN A 364 -7.89 -17.98 -1.50
CA GLN A 364 -7.52 -16.69 -0.90
C GLN A 364 -8.57 -16.35 0.18
N TYR A 365 -9.86 -16.65 -0.08
CA TYR A 365 -10.87 -16.33 0.96
C TYR A 365 -10.60 -17.12 2.25
N SER A 366 -10.53 -18.44 2.11
CA SER A 366 -10.36 -19.29 3.30
C SER A 366 -9.01 -19.10 3.95
N HIS A 367 -7.91 -18.96 3.19
CA HIS A 367 -6.65 -18.62 3.84
C HIS A 367 -6.71 -17.28 4.66
N SER A 368 -7.27 -16.22 4.10
CA SER A 368 -7.51 -15.03 4.85
C SER A 368 -8.43 -15.29 6.06
N ILE A 369 -9.53 -16.04 5.90
CA ILE A 369 -10.41 -16.20 7.04
C ILE A 369 -9.73 -16.96 8.18
N ILE A 370 -9.02 -18.04 7.85
CA ILE A 370 -8.33 -18.85 8.88
C ILE A 370 -7.21 -18.01 9.53
N THR A 371 -6.47 -17.27 8.75
CA THR A 371 -5.37 -16.46 9.31
C THR A 371 -5.91 -15.40 10.26
N ASN A 372 -6.95 -14.68 9.85
CA ASN A 372 -7.65 -13.74 10.70
C ASN A 372 -8.15 -14.37 12.01
N LEU A 373 -8.83 -15.53 11.95
CA LEU A 373 -9.28 -16.21 13.15
C LEU A 373 -8.08 -16.57 14.02
N LEU A 374 -6.98 -16.97 13.36
CA LEU A 374 -5.81 -17.29 14.12
C LEU A 374 -5.22 -16.04 14.82
N TYR A 375 -5.57 -14.85 14.39
CA TYR A 375 -5.07 -13.65 15.06
C TYR A 375 -6.17 -12.75 15.62
N HIS A 376 -7.16 -13.39 16.20
CA HIS A 376 -8.12 -12.79 17.10
C HIS A 376 -9.32 -12.09 16.50
N VAL A 377 -9.44 -12.07 15.20
CA VAL A 377 -10.51 -11.38 14.50
C VAL A 377 -11.85 -12.10 14.72
N VAL A 378 -12.91 -11.35 14.92
CA VAL A 378 -14.15 -11.92 15.43
C VAL A 378 -15.21 -12.15 14.32
N GLY A 379 -14.90 -11.73 13.09
CA GLY A 379 -15.86 -11.75 12.00
C GLY A 379 -15.24 -11.39 10.65
N TRP A 380 -15.88 -11.72 9.51
CA TRP A 380 -15.24 -11.49 8.22
C TRP A 380 -16.36 -11.28 7.28
N THR A 381 -16.29 -10.20 6.52
CA THR A 381 -17.34 -9.71 5.69
C THR A 381 -16.70 -9.56 4.31
N ASP A 382 -17.26 -10.27 3.34
CA ASP A 382 -17.03 -10.09 1.94
C ASP A 382 -17.55 -8.73 1.46
N TRP A 383 -17.22 -8.35 0.23
CA TRP A 383 -17.70 -7.09 -0.33
C TRP A 383 -19.01 -7.41 -1.10
N ASN A 384 -19.20 -6.91 -2.31
CA ASN A 384 -20.48 -7.07 -3.02
C ASN A 384 -21.05 -8.52 -2.98
N LEU A 385 -22.33 -8.68 -2.63
CA LEU A 385 -22.97 -10.00 -2.54
C LEU A 385 -23.16 -10.65 -3.91
N ALA A 386 -23.32 -9.84 -4.96
CA ALA A 386 -23.42 -10.37 -6.31
C ALA A 386 -22.96 -9.28 -7.28
N LEU A 387 -22.33 -9.73 -8.34
CA LEU A 387 -21.98 -8.82 -9.40
C LEU A 387 -22.35 -9.38 -10.80
N ASN A 388 -22.23 -8.55 -11.84
CA ASN A 388 -22.44 -9.05 -13.21
C ASN A 388 -21.18 -9.72 -13.79
N PRO A 389 -21.26 -10.24 -15.04
CA PRO A 389 -20.09 -11.00 -15.41
C PRO A 389 -18.84 -10.12 -15.71
N GLU A 390 -19.01 -8.79 -15.77
CA GLU A 390 -17.89 -7.84 -15.86
C GLU A 390 -17.31 -7.43 -14.49
N GLY A 391 -18.04 -7.77 -13.41
CA GLY A 391 -17.62 -7.33 -12.08
C GLY A 391 -18.22 -5.98 -11.68
N GLY A 392 -19.35 -5.63 -12.27
CA GLY A 392 -19.97 -4.38 -11.97
C GLY A 392 -21.48 -4.58 -11.79
N PRO A 393 -22.27 -3.48 -11.91
CA PRO A 393 -21.76 -2.19 -12.41
C PRO A 393 -20.95 -1.32 -11.39
N ASN A 394 -20.36 -0.22 -11.84
CA ASN A 394 -19.38 0.54 -11.03
C ASN A 394 -19.07 1.77 -11.82
N TRP A 395 -19.41 2.93 -11.25
CA TRP A 395 -19.41 4.19 -12.02
C TRP A 395 -18.01 4.65 -12.43
N VAL A 396 -16.97 4.13 -11.76
CA VAL A 396 -15.60 4.37 -12.20
C VAL A 396 -14.93 3.09 -12.74
N ARG A 397 -15.70 2.04 -13.03
CA ARG A 397 -15.14 0.82 -13.64
C ARG A 397 -14.11 0.15 -12.74
N ASN A 398 -14.29 0.26 -11.41
CA ASN A 398 -13.40 -0.42 -10.46
C ASN A 398 -13.97 -1.84 -10.21
N PHE A 399 -14.14 -2.60 -11.30
CA PHE A 399 -14.71 -3.94 -11.30
C PHE A 399 -13.87 -4.95 -10.49
N VAL A 400 -14.57 -5.89 -9.85
CA VAL A 400 -13.93 -6.88 -9.00
C VAL A 400 -14.73 -8.15 -9.12
N ASP A 401 -14.36 -9.19 -8.41
CA ASP A 401 -15.05 -10.44 -8.54
C ASP A 401 -16.08 -10.57 -7.38
N SER A 402 -17.00 -11.53 -7.49
CA SER A 402 -17.95 -11.78 -6.40
C SER A 402 -18.30 -13.29 -6.29
N PRO A 403 -18.66 -13.78 -5.08
CA PRO A 403 -18.97 -15.19 -4.92
C PRO A 403 -20.16 -15.58 -5.74
N ILE A 404 -21.05 -14.63 -6.04
CA ILE A 404 -22.12 -14.88 -6.98
C ILE A 404 -22.12 -13.93 -8.21
N ILE A 405 -22.15 -14.51 -9.42
CA ILE A 405 -22.17 -13.70 -10.63
C ILE A 405 -23.50 -13.91 -11.25
N VAL A 406 -24.16 -12.80 -11.52
CA VAL A 406 -25.49 -12.83 -12.14
C VAL A 406 -25.50 -12.57 -13.67
N ASP A 407 -26.08 -13.46 -14.45
CA ASP A 407 -26.23 -13.28 -15.89
C ASP A 407 -27.66 -12.95 -16.25
N ILE A 408 -27.99 -11.64 -16.33
CA ILE A 408 -29.39 -11.15 -16.50
C ILE A 408 -30.11 -11.86 -17.64
N THR A 409 -29.45 -11.92 -18.79
CA THR A 409 -30.12 -12.36 -20.01
C THR A 409 -30.35 -13.87 -20.00
N LYS A 410 -29.73 -14.59 -19.09
CA LYS A 410 -30.07 -15.99 -18.96
C LYS A 410 -30.95 -16.31 -17.74
N ASP A 411 -31.36 -15.28 -16.99
CA ASP A 411 -31.98 -15.43 -15.66
C ASP A 411 -31.24 -16.52 -14.85
N THR A 412 -29.92 -16.40 -14.82
CA THR A 412 -29.00 -17.37 -14.28
C THR A 412 -28.00 -16.67 -13.31
N PHE A 413 -27.56 -17.42 -12.30
CA PHE A 413 -26.49 -16.98 -11.42
C PHE A 413 -25.58 -18.13 -11.12
N TYR A 414 -24.31 -17.79 -10.90
CA TYR A 414 -23.22 -18.73 -10.71
C TYR A 414 -22.61 -18.61 -9.33
N LYS A 415 -22.49 -19.73 -8.62
CA LYS A 415 -21.86 -19.67 -7.32
C LYS A 415 -20.46 -20.11 -7.56
N GLN A 416 -19.53 -19.30 -7.12
CA GLN A 416 -18.17 -19.54 -7.41
C GLN A 416 -17.52 -20.29 -6.27
N PRO A 417 -16.35 -20.89 -6.50
CA PRO A 417 -15.59 -21.44 -5.34
C PRO A 417 -15.58 -20.52 -4.10
N MET A 418 -15.39 -19.19 -4.29
CA MET A 418 -15.40 -18.28 -3.15
C MET A 418 -16.64 -18.53 -2.27
N PHE A 419 -17.78 -18.83 -2.89
CA PHE A 419 -19.02 -18.97 -2.14
C PHE A 419 -18.89 -20.14 -1.19
N TYR A 420 -18.32 -21.25 -1.67
CA TYR A 420 -18.14 -22.41 -0.81
C TYR A 420 -17.01 -22.32 0.20
N HIS A 421 -15.91 -21.65 -0.18
CA HIS A 421 -14.81 -21.45 0.80
C HIS A 421 -15.34 -20.66 2.02
N LEU A 422 -16.13 -19.60 1.74
CA LEU A 422 -16.85 -18.87 2.80
C LEU A 422 -17.90 -19.74 3.56
N GLY A 423 -18.63 -20.58 2.85
CA GLY A 423 -19.68 -21.37 3.48
C GLY A 423 -19.08 -22.33 4.48
N HIS A 424 -17.84 -22.78 4.23
CA HIS A 424 -17.22 -23.74 5.08
C HIS A 424 -17.07 -23.10 6.48
N PHE A 425 -17.13 -21.76 6.54
CA PHE A 425 -17.06 -21.14 7.84
C PHE A 425 -18.39 -20.61 8.28
N SER A 426 -19.07 -19.86 7.41
CA SER A 426 -20.28 -19.20 7.88
C SER A 426 -21.35 -20.22 8.31
N LYS A 427 -21.46 -21.32 7.54
CA LYS A 427 -22.49 -22.31 7.81
C LYS A 427 -22.28 -22.97 9.17
N PHE A 428 -21.04 -23.14 9.59
CA PHE A 428 -20.71 -24.02 10.68
C PHE A 428 -20.16 -23.33 11.92
N ILE A 429 -20.08 -22.01 11.91
CA ILE A 429 -19.54 -21.24 13.02
C ILE A 429 -20.53 -20.16 13.40
N PRO A 430 -21.56 -20.52 14.18
CA PRO A 430 -22.58 -19.51 14.56
C PRO A 430 -21.97 -18.44 15.47
N GLU A 431 -22.61 -17.29 15.54
CA GLU A 431 -22.27 -16.22 16.50
C GLU A 431 -22.10 -16.77 17.91
N GLY A 432 -21.06 -16.31 18.60
CA GLY A 432 -20.88 -16.79 19.97
C GLY A 432 -19.94 -17.99 20.03
N SER A 433 -19.62 -18.65 18.90
CA SER A 433 -18.61 -19.67 18.88
C SER A 433 -17.30 -19.09 19.32
N GLN A 434 -16.44 -19.94 19.87
CA GLN A 434 -15.24 -19.39 20.50
C GLN A 434 -14.04 -20.13 19.96
N ARG A 435 -13.03 -19.40 19.55
CA ARG A 435 -11.88 -20.00 18.97
C ARG A 435 -11.04 -20.66 20.08
N VAL A 436 -10.53 -21.88 19.84
CA VAL A 436 -9.73 -22.57 20.88
C VAL A 436 -8.37 -23.01 20.33
N GLY A 437 -7.51 -23.52 21.20
CA GLY A 437 -6.15 -23.79 20.76
C GLY A 437 -6.13 -25.02 19.85
N LEU A 438 -5.15 -25.03 18.93
CA LEU A 438 -4.91 -26.15 18.02
C LEU A 438 -3.43 -26.17 17.68
N VAL A 439 -2.74 -27.26 18.00
CA VAL A 439 -1.31 -27.33 17.73
C VAL A 439 -1.02 -28.53 16.84
N ALA A 440 -0.01 -28.35 16.00
CA ALA A 440 0.48 -29.36 15.08
C ALA A 440 1.74 -30.08 15.57
N SER A 441 1.76 -31.40 15.36
CA SER A 441 2.92 -32.19 15.74
C SER A 441 4.18 -31.94 14.93
N GLN A 442 4.08 -31.47 13.68
CA GLN A 442 5.24 -31.16 12.82
C GLN A 442 4.86 -30.04 11.87
N LYS A 443 5.87 -29.35 11.33
CA LYS A 443 5.64 -28.35 10.23
C LYS A 443 4.74 -29.01 9.18
N ASN A 444 3.80 -28.25 8.64
CA ASN A 444 2.93 -28.82 7.65
C ASN A 444 2.53 -27.66 6.77
N ASP A 445 1.92 -27.94 5.63
CA ASP A 445 1.50 -26.88 4.74
C ASP A 445 0.00 -26.52 4.86
N LEU A 446 -0.68 -27.02 5.90
CA LEU A 446 -2.12 -26.82 6.05
C LEU A 446 -2.48 -25.51 6.78
N ASP A 447 -3.62 -24.91 6.47
CA ASP A 447 -4.13 -23.89 7.40
C ASP A 447 -5.34 -24.51 8.10
N ALA A 448 -5.42 -24.36 9.41
CA ALA A 448 -6.41 -25.10 10.16
C ALA A 448 -6.74 -24.28 11.37
N VAL A 449 -8.00 -24.26 11.76
CA VAL A 449 -8.40 -23.55 12.97
C VAL A 449 -9.56 -24.35 13.58
N ALA A 450 -9.69 -24.27 14.91
CA ALA A 450 -10.59 -25.04 15.76
C ALA A 450 -11.37 -24.05 16.60
N LEU A 451 -12.67 -24.24 16.65
CA LEU A 451 -13.53 -23.47 17.51
C LEU A 451 -14.52 -24.37 18.29
N MET A 452 -15.11 -23.82 19.33
CA MET A 452 -16.16 -24.42 20.09
C MET A 452 -17.46 -23.65 19.89
N HIS A 453 -18.50 -24.37 19.48
CA HIS A 453 -19.85 -23.82 19.32
C HIS A 453 -20.42 -23.44 20.67
N PRO A 454 -21.49 -22.62 20.68
CA PRO A 454 -22.12 -22.31 21.99
C PRO A 454 -22.53 -23.52 22.84
N ASP A 455 -22.95 -24.59 22.19
CA ASP A 455 -23.45 -25.80 22.87
C ASP A 455 -22.29 -26.69 23.28
N GLY A 456 -21.07 -26.17 23.18
CA GLY A 456 -19.87 -26.95 23.45
C GLY A 456 -19.34 -27.97 22.41
N SER A 457 -20.05 -28.22 21.31
CA SER A 457 -19.50 -29.06 20.26
C SER A 457 -18.32 -28.41 19.47
N ALA A 458 -17.60 -29.22 18.69
CA ALA A 458 -16.35 -28.74 18.06
C ALA A 458 -16.51 -28.52 16.54
N VAL A 459 -15.77 -27.55 16.03
CA VAL A 459 -15.64 -27.29 14.62
C VAL A 459 -14.15 -27.04 14.27
N VAL A 460 -13.67 -27.71 13.22
CA VAL A 460 -12.29 -27.50 12.77
C VAL A 460 -12.36 -27.30 11.27
N VAL A 461 -11.68 -26.24 10.78
CA VAL A 461 -11.57 -26.03 9.36
C VAL A 461 -10.15 -26.30 8.94
N VAL A 462 -9.98 -27.10 7.88
CA VAL A 462 -8.64 -27.53 7.37
C VAL A 462 -8.59 -27.15 5.92
N LEU A 463 -7.71 -26.23 5.63
CA LEU A 463 -7.49 -25.85 4.24
C LEU A 463 -6.15 -26.40 3.74
N ASN A 464 -6.17 -27.11 2.62
CA ASN A 464 -4.91 -27.56 2.00
C ASN A 464 -4.57 -26.75 0.74
N ARG A 465 -3.66 -25.82 0.88
CA ARG A 465 -3.29 -25.03 -0.27
C ARG A 465 -2.23 -25.64 -1.23
N SER A 466 -1.67 -26.81 -0.87
CA SER A 466 -0.65 -27.50 -1.66
C SER A 466 -1.32 -28.50 -2.58
N SER A 467 -0.54 -29.09 -3.49
CA SER A 467 -1.09 -30.13 -4.39
C SER A 467 -1.05 -31.51 -3.78
N LYS A 468 -0.38 -31.64 -2.64
CA LYS A 468 -0.14 -32.94 -2.01
C LYS A 468 -1.18 -33.38 -0.97
N ASP A 469 -1.63 -34.62 -1.08
CA ASP A 469 -2.50 -35.20 -0.09
C ASP A 469 -1.72 -35.30 1.22
N VAL A 470 -2.29 -34.84 2.33
CA VAL A 470 -1.67 -34.92 3.63
C VAL A 470 -2.62 -35.76 4.47
N PRO A 471 -2.27 -37.04 4.69
CA PRO A 471 -3.04 -37.79 5.69
C PRO A 471 -2.81 -37.19 7.10
N LEU A 472 -3.86 -37.15 7.92
CA LEU A 472 -3.71 -36.54 9.22
C LEU A 472 -4.68 -37.06 10.23
N THR A 473 -4.33 -36.81 11.48
CA THR A 473 -5.21 -37.04 12.58
C THR A 473 -5.48 -35.79 13.40
N ILE A 474 -6.73 -35.67 13.86
CA ILE A 474 -7.14 -34.66 14.82
C ILE A 474 -7.43 -35.28 16.19
N LYS A 475 -6.69 -34.83 17.18
CA LYS A 475 -6.89 -35.26 18.54
C LYS A 475 -7.71 -34.23 19.34
N ASP A 476 -8.80 -34.73 19.89
CA ASP A 476 -9.58 -34.08 20.90
C ASP A 476 -9.42 -34.86 22.25
N PRO A 477 -8.67 -34.27 23.21
CA PRO A 477 -8.47 -34.83 24.60
C PRO A 477 -9.78 -35.38 25.19
N ALA A 478 -9.77 -36.63 25.65
CA ALA A 478 -10.98 -37.26 26.21
C ALA A 478 -12.30 -37.19 25.37
N VAL A 479 -12.19 -37.20 24.05
CA VAL A 479 -13.26 -37.85 23.26
C VAL A 479 -12.67 -38.89 22.33
N GLY A 480 -11.56 -38.55 21.66
CA GLY A 480 -10.85 -39.50 20.82
C GLY A 480 -10.18 -38.89 19.64
N PHE A 481 -10.05 -39.66 18.56
CA PHE A 481 -9.18 -39.34 17.42
C PHE A 481 -9.99 -39.52 16.10
N LEU A 482 -9.82 -38.57 15.20
CA LEU A 482 -10.43 -38.61 13.91
C LEU A 482 -9.26 -38.79 12.94
N GLU A 483 -9.35 -39.86 12.16
CA GLU A 483 -8.33 -40.16 11.18
C GLU A 483 -8.89 -39.69 9.86
N THR A 484 -8.13 -38.86 9.16
CA THR A 484 -8.64 -38.37 7.91
C THR A 484 -7.49 -38.06 7.00
N ILE A 485 -7.82 -37.45 5.87
CA ILE A 485 -6.82 -37.02 4.93
C ILE A 485 -7.27 -35.65 4.38
N SER A 486 -6.32 -34.77 4.12
CA SER A 486 -6.60 -33.51 3.51
C SER A 486 -6.03 -33.50 2.12
N PRO A 487 -6.87 -33.84 1.13
CA PRO A 487 -6.40 -33.87 -0.29
C PRO A 487 -5.93 -32.52 -0.76
N GLY A 488 -4.99 -32.50 -1.71
CA GLY A 488 -4.49 -31.29 -2.30
C GLY A 488 -5.60 -30.39 -2.83
N TYR A 489 -5.49 -29.07 -2.57
CA TYR A 489 -6.51 -28.13 -3.08
C TYR A 489 -7.86 -28.52 -2.54
N SER A 490 -7.91 -28.70 -1.22
CA SER A 490 -9.22 -28.96 -0.65
C SER A 490 -9.42 -28.11 0.57
N ILE A 491 -10.69 -27.97 0.89
CA ILE A 491 -11.07 -27.44 2.17
C ILE A 491 -12.12 -28.37 2.82
N HIS A 492 -11.91 -28.64 4.09
CA HIS A 492 -12.78 -29.43 4.88
C HIS A 492 -13.23 -28.66 6.11
N THR A 493 -14.45 -28.95 6.51
CA THR A 493 -14.91 -28.61 7.84
C THR A 493 -15.35 -29.89 8.57
N TYR A 494 -14.79 -30.08 9.77
CA TYR A 494 -15.15 -31.16 10.66
C TYR A 494 -16.00 -30.67 11.84
N LEU A 495 -17.01 -31.48 12.18
CA LEU A 495 -17.92 -31.15 13.27
C LEU A 495 -18.09 -32.40 14.11
N TRP A 496 -18.05 -32.26 15.42
CA TRP A 496 -18.44 -33.38 16.28
C TRP A 496 -18.93 -32.90 17.64
N HIS A 497 -19.81 -33.69 18.22
CA HIS A 497 -20.28 -33.47 19.58
C HIS A 497 -19.27 -34.05 20.53
N ARG A 498 -18.99 -33.29 21.58
CA ARG A 498 -18.04 -33.65 22.65
C ARG A 498 -18.80 -34.17 23.86
N GLN A 499 -20.08 -33.78 23.91
CA GLN A 499 -21.19 -34.45 24.59
C GLN A 499 -20.83 -35.82 25.20
N PHE B 2 28.03 30.98 -18.83
CA PHE B 2 27.15 32.20 -18.88
C PHE B 2 25.64 31.89 -18.57
N ALA B 3 24.87 32.92 -18.15
CA ALA B 3 23.40 32.78 -18.08
C ALA B 3 22.80 32.81 -19.48
N ARG B 4 22.47 31.61 -19.95
CA ARG B 4 21.44 31.38 -20.94
C ARG B 4 20.19 31.00 -20.14
N PRO B 5 19.15 31.82 -20.23
CA PRO B 5 17.90 31.53 -19.52
C PRO B 5 17.09 30.34 -20.11
N CYS B 6 16.05 29.93 -19.38
CA CYS B 6 15.10 28.90 -19.77
C CYS B 6 14.48 29.39 -21.05
N ILE B 7 14.28 28.52 -22.04
CA ILE B 7 13.32 28.79 -23.16
C ILE B 7 12.00 28.11 -22.80
N PRO B 8 10.99 28.89 -22.42
CA PRO B 8 9.78 28.29 -21.88
C PRO B 8 8.79 27.80 -22.93
N LYS B 9 8.06 26.74 -22.58
CA LYS B 9 7.01 26.21 -23.38
C LYS B 9 5.95 25.52 -22.52
N SER B 10 4.70 25.86 -22.82
CA SER B 10 3.53 25.36 -22.16
C SER B 10 2.91 24.24 -23.00
N PHE B 11 2.41 23.18 -22.36
CA PHE B 11 1.62 22.13 -23.07
C PHE B 11 0.23 22.07 -22.45
N GLY B 12 -0.16 23.14 -21.76
CA GLY B 12 -1.50 23.27 -21.26
C GLY B 12 -1.71 22.88 -19.84
N TYR B 13 -0.62 22.74 -19.10
CA TYR B 13 -0.70 22.35 -17.68
C TYR B 13 -0.29 23.58 -16.87
N SER B 14 -0.17 23.45 -15.55
CA SER B 14 -0.06 24.63 -14.74
C SER B 14 1.22 25.46 -14.98
N SER B 15 2.29 24.86 -15.55
CA SER B 15 3.52 25.63 -15.76
C SER B 15 4.21 25.26 -17.05
N VAL B 16 5.39 25.80 -17.26
CA VAL B 16 6.13 25.61 -18.52
C VAL B 16 7.24 24.57 -18.33
N VAL B 17 7.75 24.01 -19.41
CA VAL B 17 8.97 23.26 -19.36
C VAL B 17 10.00 24.20 -19.99
N CYS B 18 11.28 23.87 -19.81
CA CYS B 18 12.39 24.52 -20.55
C CYS B 18 12.83 23.67 -21.72
N VAL B 19 12.87 24.24 -22.89
CA VAL B 19 13.20 23.49 -24.08
C VAL B 19 14.70 23.57 -24.33
N CYS B 20 15.31 22.42 -24.64
CA CYS B 20 16.75 22.36 -24.84
C CYS B 20 16.93 21.60 -26.12
N ASN B 21 17.99 21.90 -26.85
CA ASN B 21 18.23 21.15 -28.10
C ASN B 21 19.71 20.96 -28.23
N ALA B 22 20.16 20.62 -29.44
CA ALA B 22 21.58 20.36 -29.70
C ALA B 22 22.49 21.56 -29.50
N THR B 23 21.96 22.77 -29.64
CA THR B 23 22.81 23.96 -29.56
C THR B 23 22.50 24.86 -28.38
N TYR B 24 21.42 24.56 -27.65
CA TYR B 24 20.97 25.43 -26.58
C TYR B 24 20.42 24.68 -25.36
N CYS B 25 20.79 25.13 -24.17
CA CYS B 25 20.22 24.68 -22.91
C CYS B 25 20.39 25.75 -21.88
N ASP B 26 19.42 25.93 -20.99
CA ASP B 26 19.54 26.95 -19.95
C ASP B 26 20.74 26.56 -19.06
N SER B 27 21.45 27.55 -18.54
CA SER B 27 22.59 27.24 -17.66
C SER B 27 22.80 28.34 -16.63
N PHE B 28 23.66 28.08 -15.66
CA PHE B 28 24.01 29.14 -14.67
C PHE B 28 25.22 29.99 -15.05
N ASP B 29 25.26 31.20 -14.49
CA ASP B 29 26.47 32.04 -14.42
C ASP B 29 27.49 31.46 -13.38
N PRO B 30 28.83 31.61 -13.63
CA PRO B 30 29.80 31.00 -12.69
C PRO B 30 29.56 31.54 -11.27
N PRO B 31 29.93 30.75 -10.23
CA PRO B 31 29.62 31.20 -8.85
C PRO B 31 30.33 32.50 -8.47
N THR B 32 29.69 33.30 -7.62
CA THR B 32 30.34 34.45 -7.03
C THR B 32 30.40 34.26 -5.51
N PHE B 33 30.99 35.26 -4.86
CA PHE B 33 31.14 35.25 -3.42
C PHE B 33 30.41 36.49 -2.90
N PRO B 34 29.14 36.30 -2.44
CA PRO B 34 28.37 37.38 -1.81
C PRO B 34 29.05 37.86 -0.53
N ALA B 35 29.34 39.17 -0.50
CA ALA B 35 29.88 39.81 0.71
C ALA B 35 29.13 39.36 1.98
N LEU B 36 29.85 39.24 3.10
CA LEU B 36 29.21 39.00 4.40
C LEU B 36 28.22 40.17 4.68
N GLY B 37 27.12 39.86 5.34
CA GLY B 37 25.99 40.84 5.42
C GLY B 37 25.07 40.88 4.19
N THR B 38 25.11 39.82 3.40
CA THR B 38 24.44 39.74 2.10
C THR B 38 24.05 38.28 1.84
N PHE B 39 22.85 38.03 1.30
CA PHE B 39 22.42 36.68 1.02
C PHE B 39 22.05 36.51 -0.44
N SER B 40 22.19 35.28 -0.93
CA SER B 40 21.75 34.91 -2.28
C SER B 40 20.45 34.12 -2.24
N ARG B 41 19.61 34.36 -3.22
CA ARG B 41 18.30 33.67 -3.28
C ARG B 41 18.09 33.14 -4.70
N TYR B 42 17.83 31.82 -4.82
CA TYR B 42 17.42 31.24 -6.05
C TYR B 42 15.96 30.96 -5.92
N GLU B 43 15.18 31.36 -6.93
CA GLU B 43 13.76 31.34 -6.89
C GLU B 43 13.23 30.63 -8.14
N SER B 44 12.26 29.76 -7.93
CA SER B 44 11.57 29.17 -9.05
C SER B 44 10.08 29.27 -8.79
N THR B 45 9.31 29.62 -9.81
CA THR B 45 7.86 29.84 -9.63
C THR B 45 7.03 29.16 -10.71
N ARG B 46 5.82 28.83 -10.31
CA ARG B 46 4.80 28.33 -11.26
C ARG B 46 4.62 29.31 -12.41
N SER B 47 4.71 30.61 -12.13
CA SER B 47 4.54 31.60 -13.21
C SER B 47 5.70 31.54 -14.21
N GLY B 48 6.74 30.78 -13.94
CA GLY B 48 7.71 30.55 -14.99
C GLY B 48 9.17 30.90 -14.66
N ARG B 49 9.44 31.45 -13.46
CA ARG B 49 10.82 31.74 -13.03
C ARG B 49 11.52 30.44 -12.75
N ARG B 50 12.79 30.35 -13.18
CA ARG B 50 13.50 29.07 -13.09
C ARG B 50 14.85 29.25 -12.47
N MET B 51 14.97 28.95 -11.17
CA MET B 51 16.25 29.08 -10.44
C MET B 51 16.94 30.43 -10.68
N GLU B 52 16.14 31.48 -10.63
CA GLU B 52 16.56 32.83 -10.84
C GLU B 52 17.24 33.37 -9.58
N LEU B 53 18.39 34.00 -9.81
CA LEU B 53 19.28 34.61 -8.80
C LEU B 53 18.97 36.06 -8.41
N SER B 54 18.88 36.32 -7.11
CA SER B 54 18.83 37.69 -6.58
C SER B 54 19.63 37.71 -5.29
N MET B 55 19.80 38.91 -4.75
CA MET B 55 20.60 39.14 -3.55
C MET B 55 19.87 40.13 -2.68
N GLY B 56 20.19 40.13 -1.39
CA GLY B 56 19.52 40.99 -0.43
C GLY B 56 20.43 41.22 0.77
N PRO B 57 20.13 42.25 1.54
CA PRO B 57 20.90 42.54 2.74
C PRO B 57 20.50 41.69 3.94
N ILE B 58 21.44 41.47 4.84
CA ILE B 58 21.13 40.92 6.16
C ILE B 58 21.11 42.06 7.20
N GLN B 59 20.03 42.18 7.97
CA GLN B 59 19.95 43.16 9.07
C GLN B 59 20.39 42.58 10.38
N ALA B 60 20.88 43.44 11.28
CA ALA B 60 21.08 43.10 12.71
C ALA B 60 19.78 43.07 13.53
N ASN B 61 18.76 43.79 13.09
CA ASN B 61 17.55 43.85 13.92
C ASN B 61 16.27 43.51 13.16
N HIS B 62 15.26 43.07 13.89
CA HIS B 62 13.98 42.79 13.28
C HIS B 62 12.92 43.10 14.32
N THR B 63 11.81 43.70 13.91
CA THR B 63 10.59 43.73 14.76
C THR B 63 9.32 43.51 13.92
N GLY B 64 8.37 42.77 14.44
CA GLY B 64 7.12 42.56 13.75
C GLY B 64 6.43 41.36 14.32
N THR B 65 5.19 41.14 13.95
CA THR B 65 4.43 40.01 14.48
C THR B 65 4.44 38.84 13.46
N GLY B 66 5.19 38.97 12.37
CA GLY B 66 5.08 37.97 11.29
C GLY B 66 5.86 36.65 11.49
N LEU B 67 5.78 35.76 10.50
CA LEU B 67 6.52 34.50 10.53
C LEU B 67 8.04 34.70 10.61
N LEU B 68 8.66 34.11 11.65
CA LEU B 68 10.08 34.11 11.88
C LEU B 68 10.62 32.64 11.83
N LEU B 69 11.68 32.38 11.05
CA LEU B 69 12.25 31.05 11.01
C LEU B 69 13.61 31.23 11.64
N THR B 70 13.88 30.55 12.75
CA THR B 70 15.17 30.68 13.39
C THR B 70 16.06 29.46 13.22
N LEU B 71 17.22 29.68 12.64
CA LEU B 71 18.24 28.68 12.57
C LEU B 71 18.72 28.29 13.98
N GLN B 72 19.06 27.03 14.17
CA GLN B 72 19.77 26.62 15.36
C GLN B 72 20.99 25.87 14.93
N PRO B 73 22.03 26.61 14.56
CA PRO B 73 23.22 26.02 13.99
C PRO B 73 23.88 25.04 14.96
N GLU B 74 23.48 25.07 16.23
CA GLU B 74 24.04 24.22 17.25
C GLU B 74 23.34 22.85 17.32
N GLN B 75 22.10 22.78 16.84
CA GLN B 75 21.40 21.50 16.79
C GLN B 75 21.78 20.85 15.50
N LYS B 76 22.64 19.85 15.58
CA LYS B 76 23.21 19.21 14.40
C LYS B 76 22.58 17.88 14.19
N PHE B 77 22.19 17.56 12.96
CA PHE B 77 21.55 16.25 12.72
C PHE B 77 22.39 15.47 11.76
N GLN B 78 21.80 14.86 10.74
CA GLN B 78 22.49 14.03 9.78
C GLN B 78 23.27 14.85 8.76
N LYS B 79 24.30 14.21 8.26
CA LYS B 79 25.07 14.58 7.08
C LYS B 79 24.57 13.95 5.76
N VAL B 80 24.76 14.68 4.68
CA VAL B 80 24.14 14.39 3.46
C VAL B 80 25.04 13.59 2.58
N LYS B 81 24.49 12.51 2.11
CA LYS B 81 25.10 11.75 1.07
C LYS B 81 24.89 12.42 -0.26
N GLY B 82 23.66 12.82 -0.59
CA GLY B 82 23.43 13.56 -1.82
C GLY B 82 22.19 13.16 -2.58
N PHE B 83 22.22 13.43 -3.88
CA PHE B 83 21.01 13.44 -4.69
C PHE B 83 21.29 12.93 -6.10
N GLY B 84 20.34 12.21 -6.70
CA GLY B 84 20.46 11.91 -8.09
C GLY B 84 19.29 11.18 -8.70
N GLY B 85 19.63 10.26 -9.60
CA GLY B 85 18.66 9.47 -10.29
C GLY B 85 19.21 8.17 -10.83
N ALA B 86 18.34 7.53 -11.62
CA ALA B 86 18.55 6.17 -12.07
C ALA B 86 18.82 6.08 -13.53
N MET B 87 19.89 5.35 -13.82
CA MET B 87 20.27 5.06 -15.22
C MET B 87 19.74 3.68 -15.59
N THR B 88 18.43 3.66 -15.88
CA THR B 88 17.73 2.47 -16.37
C THR B 88 18.03 2.34 -17.82
N ASP B 89 17.78 1.15 -18.36
CA ASP B 89 17.76 0.94 -19.83
C ASP B 89 16.94 1.99 -20.56
N ALA B 90 15.71 2.26 -20.11
CA ALA B 90 14.87 3.26 -20.80
C ALA B 90 15.53 4.65 -20.81
N ALA B 91 16.10 5.03 -19.66
CA ALA B 91 16.80 6.32 -19.55
C ALA B 91 17.94 6.37 -20.54
N ALA B 92 18.74 5.30 -20.60
CA ALA B 92 19.89 5.31 -21.51
C ALA B 92 19.41 5.38 -22.96
N LEU B 93 18.39 4.60 -23.31
CA LEU B 93 17.92 4.57 -24.69
C LEU B 93 17.41 5.93 -25.07
N ASN B 94 16.75 6.59 -24.13
CA ASN B 94 16.19 7.91 -24.42
C ASN B 94 17.25 9.01 -24.62
N ILE B 95 18.26 9.05 -23.73
CA ILE B 95 19.38 9.95 -23.84
C ILE B 95 20.15 9.68 -25.16
N LEU B 96 20.44 8.40 -25.39
CA LEU B 96 21.13 8.01 -26.61
C LEU B 96 20.35 8.36 -27.88
N ALA B 97 19.07 8.73 -27.75
CA ALA B 97 18.22 9.00 -28.93
C ALA B 97 18.49 10.42 -29.49
N LEU B 98 19.04 11.28 -28.65
CA LEU B 98 19.42 12.62 -29.05
C LEU B 98 20.67 12.61 -29.91
N SER B 99 20.90 13.70 -30.62
CA SER B 99 22.16 13.90 -31.32
C SER B 99 23.21 14.07 -30.22
N PRO B 100 24.47 13.70 -30.49
CA PRO B 100 25.49 13.77 -29.45
C PRO B 100 25.72 15.13 -28.76
N PRO B 101 25.63 16.26 -29.47
CA PRO B 101 25.75 17.50 -28.71
C PRO B 101 24.59 17.82 -27.79
N ALA B 102 23.39 17.39 -28.14
CA ALA B 102 22.19 17.44 -27.25
C ALA B 102 22.32 16.48 -26.08
N GLN B 103 22.85 15.29 -26.34
CA GLN B 103 23.22 14.37 -25.30
C GLN B 103 24.10 15.02 -24.24
N ASN B 104 25.12 15.74 -24.68
CA ASN B 104 26.08 16.30 -23.75
C ASN B 104 25.47 17.46 -22.94
N LEU B 105 24.63 18.24 -23.57
CA LEU B 105 23.84 19.21 -22.84
C LEU B 105 22.91 18.57 -21.79
N LEU B 106 22.32 17.43 -22.15
CA LEU B 106 21.43 16.77 -21.21
C LEU B 106 22.23 16.28 -19.99
N LEU B 107 23.35 15.60 -20.24
CA LEU B 107 24.17 15.10 -19.15
C LEU B 107 24.79 16.20 -18.32
N LYS B 108 25.17 17.32 -18.95
CA LYS B 108 25.67 18.49 -18.22
C LYS B 108 24.64 19.07 -17.29
N SER B 109 23.36 19.06 -17.69
CA SER B 109 22.27 19.65 -16.89
C SER B 109 22.17 18.90 -15.56
N TYR B 110 22.40 17.59 -15.62
CA TYR B 110 22.35 16.82 -14.41
C TYR B 110 23.64 16.83 -13.64
N PHE B 111 24.75 16.57 -14.32
CA PHE B 111 25.98 16.18 -13.66
C PHE B 111 27.09 17.22 -13.58
N SER B 112 26.97 18.28 -14.35
CA SER B 112 28.05 19.21 -14.34
C SER B 112 27.79 20.25 -13.30
N GLU B 113 28.87 20.93 -12.95
CA GLU B 113 28.78 22.04 -12.00
C GLU B 113 27.98 23.19 -12.63
N GLU B 114 27.94 23.27 -13.95
CA GLU B 114 27.05 24.22 -14.67
C GLU B 114 25.56 23.86 -14.66
N GLY B 115 25.24 22.60 -14.34
CA GLY B 115 23.84 22.17 -14.11
C GLY B 115 23.51 22.06 -12.63
N ILE B 116 22.89 20.94 -12.21
CA ILE B 116 22.38 20.85 -10.84
C ILE B 116 23.18 19.88 -9.96
N GLY B 117 24.29 19.42 -10.51
CA GLY B 117 25.27 18.72 -9.71
C GLY B 117 24.88 17.42 -9.01
N TYR B 118 24.15 16.55 -9.69
CA TYR B 118 23.89 15.20 -9.24
C TYR B 118 25.19 14.50 -8.78
N ASN B 119 25.09 13.76 -7.69
CA ASN B 119 26.22 12.97 -7.22
C ASN B 119 25.92 11.47 -6.93
N ILE B 120 24.75 11.01 -7.36
CA ILE B 120 24.35 9.66 -7.18
C ILE B 120 23.68 9.17 -8.46
N ILE B 121 24.06 7.95 -8.86
CA ILE B 121 23.41 7.27 -9.96
C ILE B 121 23.01 5.86 -9.55
N ARG B 122 21.70 5.59 -9.63
CA ARG B 122 21.19 4.25 -9.28
C ARG B 122 21.19 3.44 -10.59
N VAL B 123 21.71 2.22 -10.50
CA VAL B 123 21.90 1.32 -11.62
C VAL B 123 21.16 -0.02 -11.35
N PRO B 124 20.15 -0.36 -12.15
CA PRO B 124 19.56 -1.69 -11.98
C PRO B 124 20.54 -2.77 -12.34
N MET B 125 20.51 -3.85 -11.58
CA MET B 125 21.28 -5.08 -11.94
C MET B 125 20.42 -5.90 -12.89
N ALA B 126 20.67 -5.73 -14.19
CA ALA B 126 19.95 -6.42 -15.22
C ALA B 126 18.51 -5.81 -15.31
N SER B 127 17.56 -6.50 -15.95
CA SER B 127 16.28 -5.88 -16.37
C SER B 127 15.27 -5.52 -15.25
N CYS B 128 14.50 -4.46 -15.49
CA CYS B 128 13.38 -4.06 -14.67
C CYS B 128 12.17 -3.73 -15.63
N ASP B 129 11.11 -3.12 -15.13
CA ASP B 129 10.00 -2.75 -16.06
C ASP B 129 10.46 -1.68 -17.03
N PHE B 130 11.40 -0.84 -16.60
CA PHE B 130 11.99 0.12 -17.54
C PHE B 130 13.10 -0.46 -18.44
N SER B 131 12.82 -1.62 -19.00
CA SER B 131 13.70 -2.23 -20.02
C SER B 131 12.79 -2.67 -21.17
N ILE B 132 13.32 -2.67 -22.40
CA ILE B 132 12.53 -3.17 -23.52
C ILE B 132 12.63 -4.72 -23.64
N ARG B 133 13.63 -5.34 -23.01
CA ARG B 133 13.55 -6.80 -22.83
C ARG B 133 13.87 -7.35 -21.45
N THR B 134 13.51 -8.62 -21.30
CA THR B 134 13.60 -9.34 -20.08
C THR B 134 14.87 -10.18 -20.17
N TYR B 135 15.72 -10.11 -19.14
CA TYR B 135 17.05 -10.76 -19.16
C TYR B 135 17.59 -10.61 -17.76
N THR B 136 18.34 -11.61 -17.30
CA THR B 136 19.28 -11.45 -16.18
C THR B 136 20.72 -11.64 -16.72
N TYR B 137 21.71 -11.57 -15.84
CA TYR B 137 23.12 -11.74 -16.25
C TYR B 137 23.52 -13.22 -16.36
N ALA B 138 22.70 -14.12 -15.80
CA ALA B 138 22.97 -15.56 -15.76
C ALA B 138 21.74 -16.40 -16.17
N ASP B 139 21.25 -16.23 -17.38
CA ASP B 139 20.02 -16.95 -17.80
C ASP B 139 20.25 -18.40 -18.22
N THR B 140 21.50 -18.83 -18.42
CA THR B 140 21.84 -20.25 -18.67
C THR B 140 21.41 -21.08 -17.48
N PRO B 141 20.54 -22.10 -17.68
CA PRO B 141 19.93 -22.66 -16.47
C PRO B 141 20.90 -23.49 -15.67
N ASP B 142 20.76 -23.40 -14.34
CA ASP B 142 21.42 -24.29 -13.39
C ASP B 142 22.94 -24.05 -13.29
N ASP B 143 23.36 -22.86 -13.71
CA ASP B 143 24.76 -22.44 -13.76
C ASP B 143 25.24 -21.92 -12.40
N PHE B 144 25.21 -22.81 -11.41
CA PHE B 144 25.43 -22.48 -10.03
C PHE B 144 26.81 -21.86 -9.76
N GLN B 145 27.77 -22.23 -10.63
CA GLN B 145 29.17 -21.70 -10.62
C GLN B 145 29.22 -20.30 -11.25
N LEU B 146 28.19 -19.96 -12.01
CA LEU B 146 28.06 -18.64 -12.63
C LEU B 146 29.15 -18.41 -13.66
N HIS B 147 29.63 -19.51 -14.24
CA HIS B 147 30.60 -19.44 -15.36
C HIS B 147 30.07 -18.71 -16.56
N ASN B 148 28.75 -18.57 -16.65
CA ASN B 148 28.15 -17.93 -17.82
C ASN B 148 27.55 -16.54 -17.52
N PHE B 149 27.86 -16.01 -16.36
CA PHE B 149 27.50 -14.66 -16.00
C PHE B 149 28.10 -13.68 -16.96
N SER B 150 27.30 -12.81 -17.56
CA SER B 150 27.94 -11.69 -18.24
C SER B 150 27.02 -10.54 -18.62
N LEU B 151 27.64 -9.41 -18.92
CA LEU B 151 26.94 -8.20 -19.11
C LEU B 151 26.51 -8.15 -20.55
N PRO B 152 25.18 -8.00 -20.82
CA PRO B 152 24.77 -7.87 -22.21
C PRO B 152 25.05 -6.43 -22.69
N GLU B 153 24.79 -6.17 -23.95
CA GLU B 153 24.93 -4.81 -24.50
C GLU B 153 24.15 -3.69 -23.73
N GLU B 154 23.18 -4.06 -22.89
CA GLU B 154 22.39 -3.01 -22.27
C GLU B 154 23.30 -2.30 -21.27
N ASP B 155 24.21 -3.06 -20.66
CA ASP B 155 25.24 -2.50 -19.82
C ASP B 155 26.39 -1.98 -20.65
N THR B 156 26.98 -2.82 -21.51
CA THR B 156 28.29 -2.50 -22.11
C THR B 156 28.21 -1.49 -23.21
N LYS B 157 27.09 -1.47 -23.91
CA LYS B 157 27.00 -0.49 -24.97
C LYS B 157 26.16 0.73 -24.59
N LEU B 158 25.22 0.59 -23.64
CA LEU B 158 24.36 1.73 -23.25
C LEU B 158 24.67 2.40 -21.88
N LYS B 159 24.52 1.64 -20.81
CA LYS B 159 24.56 2.20 -19.49
C LYS B 159 25.95 2.60 -19.04
N ILE B 160 26.92 1.70 -19.22
CA ILE B 160 28.27 1.94 -18.76
C ILE B 160 28.89 3.15 -19.47
N PRO B 161 28.75 3.25 -20.81
CA PRO B 161 29.41 4.41 -21.45
C PRO B 161 28.79 5.77 -21.08
N LEU B 162 27.46 5.79 -20.88
CA LEU B 162 26.80 7.00 -20.32
C LEU B 162 27.20 7.30 -18.87
N ILE B 163 27.37 6.27 -18.07
CA ILE B 163 27.81 6.52 -16.70
C ILE B 163 29.23 7.11 -16.72
N HIS B 164 30.12 6.60 -17.60
CA HIS B 164 31.46 7.22 -17.74
C HIS B 164 31.29 8.68 -18.16
N ARG B 165 30.44 8.95 -19.14
CA ARG B 165 30.30 10.31 -19.58
C ARG B 165 29.81 11.23 -18.45
N ALA B 166 28.88 10.72 -17.64
CA ALA B 166 28.36 11.46 -16.48
C ALA B 166 29.47 11.80 -15.47
N LEU B 167 30.21 10.78 -15.06
CA LEU B 167 31.35 10.97 -14.21
C LEU B 167 32.43 11.87 -14.81
N GLN B 168 32.60 11.84 -16.14
CA GLN B 168 33.62 12.66 -16.77
C GLN B 168 33.25 14.13 -16.64
N LEU B 169 31.93 14.37 -16.62
CA LEU B 169 31.42 15.73 -16.65
C LEU B 169 31.32 16.35 -15.28
N ALA B 170 31.45 15.52 -14.23
CA ALA B 170 31.17 16.01 -12.89
C ALA B 170 32.39 16.60 -12.20
N GLN B 171 32.21 17.70 -11.47
CA GLN B 171 33.25 18.19 -10.55
C GLN B 171 33.21 17.42 -9.25
N ARG B 172 32.00 17.21 -8.74
CA ARG B 172 31.77 16.43 -7.52
C ARG B 172 31.99 14.94 -7.75
N PRO B 173 32.49 14.22 -6.74
CA PRO B 173 32.57 12.75 -6.95
C PRO B 173 31.13 12.13 -6.93
N VAL B 174 30.91 11.14 -7.80
CA VAL B 174 29.58 10.62 -8.00
C VAL B 174 29.54 9.24 -7.39
N SER B 175 28.53 8.96 -6.57
CA SER B 175 28.39 7.63 -6.00
C SER B 175 27.39 6.74 -6.80
N LEU B 176 27.75 5.48 -7.11
CA LEU B 176 26.89 4.50 -7.81
C LEU B 176 26.23 3.60 -6.81
N LEU B 177 24.95 3.32 -7.11
CA LEU B 177 24.13 2.52 -6.24
C LEU B 177 23.46 1.43 -7.13
N ALA B 178 23.52 0.17 -6.72
CA ALA B 178 22.97 -0.89 -7.56
C ALA B 178 21.84 -1.60 -6.85
N SER B 179 20.86 -2.05 -7.63
CA SER B 179 19.73 -2.80 -7.10
C SER B 179 19.28 -3.78 -8.11
N PRO B 180 19.03 -5.03 -7.67
CA PRO B 180 18.49 -6.05 -8.58
C PRO B 180 16.98 -6.11 -8.45
N TRP B 181 16.25 -6.42 -9.53
CA TRP B 181 14.77 -6.60 -9.47
C TRP B 181 14.46 -8.11 -9.35
N THR B 182 15.01 -8.90 -10.26
CA THR B 182 14.89 -10.33 -10.18
C THR B 182 16.26 -11.07 -10.25
N SER B 183 16.32 -12.26 -9.64
CA SER B 183 17.33 -13.25 -10.01
C SER B 183 17.02 -14.06 -11.31
N PRO B 184 18.02 -14.83 -11.81
CA PRO B 184 17.70 -15.92 -12.76
C PRO B 184 16.53 -16.75 -12.31
N THR B 185 15.66 -17.09 -13.27
CA THR B 185 14.42 -17.80 -12.94
C THR B 185 14.68 -19.18 -12.30
N TRP B 186 15.78 -19.83 -12.70
CA TRP B 186 16.08 -21.18 -12.19
C TRP B 186 16.51 -21.07 -10.75
N LEU B 187 16.59 -19.85 -10.22
CA LEU B 187 16.84 -19.70 -8.80
C LEU B 187 15.53 -19.53 -8.00
N LYS B 188 14.41 -19.43 -8.72
CA LYS B 188 13.16 -18.98 -8.11
C LYS B 188 12.10 -20.06 -7.92
N THR B 189 11.35 -19.98 -6.81
CA THR B 189 10.27 -20.96 -6.52
C THR B 189 9.27 -21.15 -7.71
N ASN B 190 9.07 -20.09 -8.49
CA ASN B 190 8.02 -20.04 -9.49
C ASN B 190 8.57 -20.13 -10.85
N GLY B 191 9.88 -20.06 -11.00
CA GLY B 191 10.53 -20.19 -12.32
C GLY B 191 10.12 -19.20 -13.38
N ALA B 192 9.85 -17.96 -12.97
CA ALA B 192 9.51 -16.83 -13.85
C ALA B 192 10.09 -15.48 -13.28
N VAL B 193 10.31 -14.48 -14.13
CA VAL B 193 10.91 -13.22 -13.70
C VAL B 193 9.95 -12.39 -12.83
N ASN B 194 8.65 -12.62 -13.02
CA ASN B 194 7.62 -11.93 -12.29
C ASN B 194 6.78 -12.89 -11.49
N GLY B 195 5.62 -12.42 -11.01
CA GLY B 195 4.67 -13.20 -10.20
C GLY B 195 5.16 -13.39 -8.78
N LYS B 196 4.32 -13.97 -7.93
CA LYS B 196 4.71 -14.33 -6.57
C LYS B 196 5.77 -15.45 -6.52
N GLY B 197 6.90 -15.17 -5.86
CA GLY B 197 7.94 -16.19 -5.71
C GLY B 197 9.22 -15.61 -5.13
N SER B 198 9.99 -16.50 -4.50
CA SER B 198 11.25 -16.10 -3.92
C SER B 198 12.32 -17.06 -4.40
N LEU B 199 13.52 -16.90 -3.86
CA LEU B 199 14.57 -17.86 -4.06
C LEU B 199 14.10 -19.19 -3.52
N LYS B 200 14.39 -20.20 -4.30
CA LYS B 200 14.29 -21.60 -3.86
C LYS B 200 15.01 -21.87 -2.52
N GLY B 201 14.44 -22.79 -1.73
CA GLY B 201 15.09 -23.27 -0.51
C GLY B 201 15.24 -22.29 0.65
N GLN B 202 16.36 -22.38 1.38
CA GLN B 202 16.63 -21.60 2.61
C GLN B 202 17.89 -20.74 2.47
N PRO B 203 17.95 -19.58 3.16
CA PRO B 203 19.24 -18.86 3.24
C PRO B 203 20.34 -19.75 3.84
N GLY B 204 21.57 -19.59 3.36
CA GLY B 204 22.69 -20.45 3.72
C GLY B 204 22.91 -21.64 2.77
N ASP B 205 21.93 -21.92 1.90
CA ASP B 205 21.99 -23.07 0.98
C ASP B 205 22.43 -22.66 -0.41
N ILE B 206 22.49 -23.62 -1.33
CA ILE B 206 23.11 -23.35 -2.65
C ILE B 206 22.48 -22.25 -3.50
N TYR B 207 21.16 -22.16 -3.48
CA TYR B 207 20.48 -21.15 -4.28
C TYR B 207 20.82 -19.77 -3.72
N HIS B 208 20.82 -19.65 -2.40
CA HIS B 208 21.12 -18.40 -1.72
C HIS B 208 22.58 -18.03 -1.87
N GLN B 209 23.47 -19.04 -1.87
CA GLN B 209 24.89 -18.76 -2.02
C GLN B 209 25.16 -18.28 -3.45
N THR B 210 24.41 -18.84 -4.42
CA THR B 210 24.60 -18.49 -5.81
C THR B 210 24.10 -17.07 -5.96
N TRP B 211 22.89 -16.77 -5.51
CA TRP B 211 22.35 -15.38 -5.56
C TRP B 211 23.38 -14.33 -5.01
N ALA B 212 23.96 -14.60 -3.83
CA ALA B 212 25.04 -13.71 -3.28
C ALA B 212 26.22 -13.58 -4.20
N ARG B 213 26.70 -14.69 -4.76
CA ARG B 213 27.81 -14.64 -5.71
C ARG B 213 27.54 -13.72 -6.92
N TYR B 214 26.30 -13.73 -7.39
CA TYR B 214 25.88 -12.96 -8.52
C TYR B 214 26.16 -11.49 -8.25
N PHE B 215 25.94 -11.07 -7.01
CA PHE B 215 26.17 -9.67 -6.63
C PHE B 215 27.67 -9.36 -6.82
N VAL B 216 28.55 -10.29 -6.41
CA VAL B 216 30.04 -10.09 -6.51
C VAL B 216 30.48 -10.13 -7.98
N LYS B 217 29.78 -10.96 -8.75
CA LYS B 217 30.07 -11.09 -10.20
C LYS B 217 29.64 -9.83 -10.90
N PHE B 218 28.54 -9.25 -10.46
CA PHE B 218 28.09 -7.98 -10.98
C PHE B 218 29.13 -6.92 -10.72
N LEU B 219 29.54 -6.82 -9.46
CA LEU B 219 30.59 -5.85 -9.04
C LEU B 219 31.93 -6.05 -9.77
N ASP B 220 32.34 -7.30 -9.93
CA ASP B 220 33.54 -7.63 -10.78
C ASP B 220 33.42 -7.15 -12.22
N ALA B 221 32.28 -7.38 -12.85
CA ALA B 221 32.14 -7.05 -14.25
C ALA B 221 32.14 -5.52 -14.45
N TYR B 222 31.54 -4.79 -13.53
CA TYR B 222 31.56 -3.34 -13.60
C TYR B 222 32.99 -2.81 -13.27
N ALA B 223 33.69 -3.51 -12.39
CA ALA B 223 35.05 -3.02 -12.07
C ALA B 223 36.02 -3.27 -13.23
N GLU B 224 35.73 -4.26 -14.10
CA GLU B 224 36.47 -4.42 -15.36
C GLU B 224 36.24 -3.25 -16.27
N HIS B 225 35.11 -2.58 -16.09
CA HIS B 225 34.86 -1.41 -16.90
C HIS B 225 35.29 -0.15 -16.16
N LYS B 226 35.92 -0.30 -15.00
CA LYS B 226 36.45 0.80 -14.18
C LYS B 226 35.37 1.62 -13.59
N LEU B 227 34.28 0.93 -13.21
CA LEU B 227 33.22 1.53 -12.39
C LEU B 227 33.18 0.83 -11.06
N GLN B 228 33.18 1.63 -9.99
CA GLN B 228 33.00 1.04 -8.69
C GLN B 228 31.75 1.59 -8.01
N PHE B 229 31.19 0.79 -7.11
CA PHE B 229 30.00 1.13 -6.38
C PHE B 229 30.22 1.58 -4.97
N TRP B 230 29.38 2.57 -4.60
CA TRP B 230 29.33 3.04 -3.26
C TRP B 230 28.44 2.10 -2.45
N ALA B 231 27.37 1.59 -3.08
CA ALA B 231 26.40 0.78 -2.31
C ALA B 231 25.63 -0.13 -3.18
N VAL B 232 25.10 -1.18 -2.58
CA VAL B 232 24.09 -2.04 -3.19
C VAL B 232 22.92 -2.21 -2.20
N THR B 233 21.70 -2.43 -2.73
CA THR B 233 20.52 -2.76 -1.93
C THR B 233 20.31 -4.25 -2.01
N ALA B 234 19.83 -4.83 -0.93
CA ALA B 234 19.57 -6.28 -0.84
C ALA B 234 18.56 -6.81 -1.92
N GLU B 235 17.67 -5.95 -2.41
CA GLU B 235 16.64 -6.33 -3.39
C GLU B 235 15.73 -5.13 -3.59
N ASN B 236 15.39 -4.86 -4.83
CA ASN B 236 14.45 -3.80 -5.02
C ASN B 236 13.02 -4.27 -4.54
N GLU B 237 12.36 -3.48 -3.71
CA GLU B 237 10.99 -3.82 -3.19
C GLU B 237 10.81 -5.30 -3.04
N PRO B 238 11.50 -5.89 -2.05
CA PRO B 238 11.35 -7.32 -1.74
C PRO B 238 9.88 -7.74 -1.52
N SER B 239 9.03 -6.80 -1.12
CA SER B 239 7.66 -7.13 -0.79
C SER B 239 6.84 -7.36 -2.06
N ALA B 240 7.29 -6.84 -3.21
CA ALA B 240 6.55 -7.02 -4.45
C ALA B 240 6.36 -8.51 -4.77
N GLY B 241 7.36 -9.30 -4.41
CA GLY B 241 7.42 -10.67 -4.84
C GLY B 241 6.65 -11.55 -3.92
N LEU B 242 6.00 -10.95 -2.92
CA LEU B 242 5.10 -11.66 -2.02
C LEU B 242 3.70 -11.52 -2.53
N LEU B 243 3.53 -10.88 -3.69
CA LEU B 243 2.20 -10.53 -4.22
C LEU B 243 1.88 -11.31 -5.49
N SER B 244 0.76 -12.01 -5.43
CA SER B 244 0.27 -12.91 -6.50
C SER B 244 -0.01 -12.09 -7.73
N GLY B 245 0.55 -12.53 -8.85
CA GLY B 245 0.33 -11.83 -10.11
C GLY B 245 1.22 -10.63 -10.39
N TYR B 246 2.06 -10.26 -9.42
CA TYR B 246 3.00 -9.12 -9.61
C TYR B 246 3.52 -9.06 -11.03
N PRO B 247 3.33 -7.93 -11.70
CA PRO B 247 3.38 -8.05 -13.15
C PRO B 247 4.77 -7.89 -13.80
N PHE B 248 5.77 -7.44 -13.07
CA PHE B 248 7.10 -7.32 -13.66
C PHE B 248 8.19 -7.86 -12.75
N GLN B 249 9.46 -7.74 -13.17
CA GLN B 249 10.56 -8.40 -12.46
C GLN B 249 10.52 -8.17 -10.93
N CYS B 250 10.56 -9.23 -10.13
CA CYS B 250 10.65 -9.04 -8.66
C CYS B 250 11.18 -10.30 -8.05
N LEU B 251 11.38 -10.31 -6.73
CA LEU B 251 11.92 -11.46 -5.97
C LEU B 251 11.49 -11.22 -4.56
N GLY B 252 10.51 -11.94 -4.03
CA GLY B 252 9.96 -11.59 -2.73
C GLY B 252 10.76 -12.08 -1.51
N PHE B 253 10.89 -11.22 -0.50
CA PHE B 253 11.52 -11.61 0.72
C PHE B 253 10.57 -11.06 1.81
N THR B 254 10.28 -11.85 2.85
CA THR B 254 9.77 -11.32 4.12
C THR B 254 10.97 -10.73 4.87
N PRO B 255 10.71 -9.94 5.93
CA PRO B 255 11.90 -9.38 6.60
C PRO B 255 12.78 -10.45 7.29
N GLU B 256 12.18 -11.54 7.74
CA GLU B 256 12.94 -12.72 8.28
C GLU B 256 13.85 -13.32 7.20
N HIS B 257 13.33 -13.37 5.99
CA HIS B 257 14.06 -13.95 4.89
C HIS B 257 15.19 -12.98 4.45
N GLN B 258 14.94 -11.67 4.42
CA GLN B 258 16.02 -10.74 4.11
C GLN B 258 17.08 -10.77 5.22
N ARG B 259 16.60 -10.79 6.48
CA ARG B 259 17.54 -10.89 7.61
C ARG B 259 18.49 -12.10 7.41
N ASP B 260 17.95 -13.28 7.17
CA ASP B 260 18.77 -14.53 7.19
C ASP B 260 19.65 -14.57 5.98
N PHE B 261 19.16 -14.03 4.88
CA PHE B 261 19.94 -13.97 3.65
C PHE B 261 21.15 -13.03 3.80
N ILE B 262 20.94 -11.85 4.39
CA ILE B 262 22.03 -10.94 4.56
C ILE B 262 23.08 -11.56 5.51
N ALA B 263 22.64 -12.09 6.65
CA ALA B 263 23.48 -12.75 7.64
C ALA B 263 24.26 -14.01 7.15
N ARG B 264 23.61 -14.92 6.41
CA ARG B 264 24.23 -16.18 5.96
C ARG B 264 25.00 -16.06 4.64
N ASP B 265 24.47 -15.36 3.62
CA ASP B 265 25.06 -15.35 2.29
C ASP B 265 25.59 -13.99 1.84
N LEU B 266 24.73 -12.94 1.80
CA LEU B 266 25.12 -11.68 1.17
C LEU B 266 26.20 -10.89 1.93
N GLY B 267 25.98 -10.68 3.23
CA GLY B 267 27.00 -10.01 4.04
C GLY B 267 28.37 -10.71 3.97
N PRO B 268 28.43 -11.98 4.42
CA PRO B 268 29.75 -12.69 4.40
C PRO B 268 30.37 -12.75 3.01
N THR B 269 29.57 -13.01 1.97
CA THR B 269 30.11 -13.07 0.60
C THR B 269 30.75 -11.74 0.12
N LEU B 270 30.08 -10.62 0.40
CA LEU B 270 30.62 -9.31 0.04
C LEU B 270 31.87 -8.97 0.87
N ALA B 271 31.80 -9.28 2.17
CA ALA B 271 32.91 -9.01 3.06
C ALA B 271 34.22 -9.79 2.76
N ASN B 272 34.13 -10.98 2.17
CA ASN B 272 35.31 -11.82 1.82
C ASN B 272 35.62 -11.66 0.30
N SER B 273 35.22 -10.51 -0.27
CA SER B 273 35.47 -10.25 -1.68
C SER B 273 36.34 -8.98 -1.74
N THR B 274 36.89 -8.63 -2.91
CA THR B 274 37.57 -7.36 -3.10
C THR B 274 36.60 -6.17 -3.00
N HIS B 275 35.29 -6.43 -2.93
CA HIS B 275 34.30 -5.37 -2.92
C HIS B 275 33.82 -5.07 -1.49
N HIS B 276 34.66 -5.38 -0.54
CA HIS B 276 34.24 -5.36 0.88
C HIS B 276 33.83 -3.95 1.34
N ASN B 277 34.25 -2.91 0.62
CA ASN B 277 33.94 -1.55 1.05
C ASN B 277 32.61 -1.07 0.46
N VAL B 278 31.96 -1.89 -0.37
CA VAL B 278 30.67 -1.53 -0.93
C VAL B 278 29.66 -1.59 0.19
N ARG B 279 28.94 -0.49 0.45
CA ARG B 279 27.91 -0.50 1.48
C ARG B 279 26.77 -1.40 1.06
N LEU B 280 26.13 -2.01 2.04
CA LEU B 280 24.88 -2.75 1.82
C LEU B 280 23.68 -2.06 2.42
N LEU B 281 22.69 -1.77 1.59
CA LEU B 281 21.44 -1.19 2.12
C LEU B 281 20.24 -2.18 2.16
N MET B 282 19.49 -2.22 3.25
CA MET B 282 18.33 -3.13 3.36
C MET B 282 17.02 -2.40 3.00
N LEU B 283 15.93 -3.18 3.00
CA LEU B 283 14.57 -2.74 2.70
C LEU B 283 14.39 -2.32 1.26
N ASP B 284 14.72 -1.07 0.94
CA ASP B 284 14.53 -0.55 -0.42
C ASP B 284 13.07 -0.70 -0.88
N ASP B 285 12.16 -0.24 -0.03
CA ASP B 285 10.74 -0.50 -0.20
C ASP B 285 9.99 0.63 0.54
N GLN B 286 8.68 0.51 0.63
CA GLN B 286 7.82 1.56 1.20
C GLN B 286 8.15 1.78 2.63
N ARG B 287 8.11 3.05 3.03
CA ARG B 287 8.47 3.34 4.42
C ARG B 287 7.50 2.85 5.43
N LEU B 288 6.33 2.41 5.04
CA LEU B 288 5.35 1.98 6.03
C LEU B 288 5.86 0.68 6.62
N LEU B 289 6.77 0.00 5.93
CA LEU B 289 7.35 -1.23 6.46
C LEU B 289 8.32 -0.95 7.65
N LEU B 290 8.57 0.33 7.94
CA LEU B 290 9.38 0.77 9.08
C LEU B 290 8.49 1.16 10.25
N PRO B 291 8.91 0.90 11.48
CA PRO B 291 10.16 0.32 11.94
C PRO B 291 10.16 -1.19 11.98
N HIS B 292 9.08 -1.85 11.56
CA HIS B 292 9.05 -3.33 11.64
C HIS B 292 10.24 -4.01 10.93
N TRP B 293 10.43 -3.72 9.66
CA TRP B 293 11.56 -4.37 8.96
C TRP B 293 12.94 -4.12 9.58
N ALA B 294 13.15 -2.90 10.07
CA ALA B 294 14.38 -2.55 10.77
C ALA B 294 14.55 -3.38 12.07
N LYS B 295 13.53 -3.46 12.91
CA LYS B 295 13.63 -4.35 14.05
C LYS B 295 13.94 -5.83 13.70
N VAL B 296 13.40 -6.33 12.62
CA VAL B 296 13.57 -7.73 12.30
C VAL B 296 15.04 -7.98 11.91
N VAL B 297 15.53 -7.18 10.99
CA VAL B 297 16.89 -7.34 10.48
C VAL B 297 17.93 -6.88 11.53
N LEU B 298 17.74 -5.69 12.10
CA LEU B 298 18.80 -5.09 12.91
C LEU B 298 18.94 -5.52 14.36
N THR B 299 17.99 -6.26 14.91
CA THR B 299 18.26 -6.80 16.22
C THR B 299 18.92 -8.20 16.06
N ASP B 300 19.20 -8.65 14.83
CA ASP B 300 19.95 -9.87 14.70
C ASP B 300 21.39 -9.46 14.47
N PRO B 301 22.25 -9.65 15.51
CA PRO B 301 23.65 -9.23 15.43
C PRO B 301 24.36 -9.85 14.22
N GLU B 302 23.98 -11.03 13.76
CA GLU B 302 24.62 -11.56 12.55
C GLU B 302 24.29 -10.73 11.31
N ALA B 303 23.09 -10.17 11.25
CA ALA B 303 22.73 -9.36 10.11
C ALA B 303 23.18 -7.87 10.26
N ALA B 304 23.06 -7.35 11.47
CA ALA B 304 23.27 -5.92 11.73
C ALA B 304 24.67 -5.49 11.34
N LYS B 305 25.64 -6.35 11.61
CA LYS B 305 27.02 -6.05 11.35
C LYS B 305 27.34 -5.89 9.86
N TYR B 306 26.44 -6.35 9.00
CA TYR B 306 26.61 -6.12 7.57
C TYR B 306 25.81 -4.97 6.99
N VAL B 307 24.83 -4.46 7.74
CA VAL B 307 23.88 -3.51 7.15
C VAL B 307 24.35 -2.11 7.41
N HIS B 308 24.70 -1.38 6.37
CA HIS B 308 25.07 0.04 6.53
C HIS B 308 23.89 1.03 6.65
N GLY B 309 22.85 0.85 5.82
CA GLY B 309 21.63 1.66 5.96
C GLY B 309 20.33 1.09 5.47
N ILE B 310 19.33 1.96 5.43
CA ILE B 310 17.97 1.57 5.05
C ILE B 310 17.54 2.43 3.85
N ALA B 311 17.11 1.79 2.75
CA ALA B 311 16.66 2.54 1.57
C ALA B 311 15.13 2.53 1.57
N VAL B 312 14.50 3.66 1.23
CA VAL B 312 13.05 3.77 1.18
C VAL B 312 12.55 4.37 -0.19
N HIS B 313 11.42 3.85 -0.67
CA HIS B 313 10.70 4.36 -1.81
C HIS B 313 9.51 5.16 -1.30
N TRP B 314 8.98 6.06 -2.14
CA TRP B 314 8.04 7.04 -1.60
C TRP B 314 6.53 6.75 -1.84
N TYR B 315 6.19 5.62 -2.46
CA TYR B 315 4.89 5.48 -3.17
C TYR B 315 3.69 5.43 -2.27
N LEU B 316 3.85 4.85 -1.10
CA LEU B 316 2.76 4.82 -0.18
C LEU B 316 3.05 5.69 1.03
N ASP B 317 3.69 6.83 0.78
CA ASP B 317 3.98 7.80 1.81
C ASP B 317 2.72 8.27 2.52
N PHE B 318 1.62 8.35 1.79
CA PHE B 318 0.38 8.90 2.37
C PHE B 318 -0.20 8.02 3.46
N LEU B 319 0.13 6.73 3.44
CA LEU B 319 -0.25 5.80 4.50
C LEU B 319 0.77 5.87 5.69
N ALA B 320 1.92 6.50 5.49
CA ALA B 320 3.05 6.31 6.44
C ALA B 320 3.56 7.65 6.94
N PRO B 321 2.96 8.17 8.01
CA PRO B 321 3.54 9.48 8.48
C PRO B 321 4.99 9.32 8.92
N ALA B 322 5.81 10.31 8.59
CA ALA B 322 7.27 10.19 8.65
C ALA B 322 7.78 9.95 10.09
N LYS B 323 7.11 10.60 11.03
CA LYS B 323 7.48 10.47 12.40
C LYS B 323 7.39 9.05 12.87
N ALA B 324 6.29 8.39 12.54
CA ALA B 324 6.06 7.05 13.11
C ALA B 324 6.94 6.01 12.35
N THR B 325 7.56 6.42 11.23
CA THR B 325 8.26 5.46 10.38
C THR B 325 9.72 5.79 10.39
N LEU B 326 10.09 6.87 9.70
CA LEU B 326 11.49 7.28 9.62
C LEU B 326 11.95 7.68 11.04
N GLY B 327 11.14 8.48 11.74
CA GLY B 327 11.59 9.11 12.99
C GLY B 327 11.86 8.08 14.08
N GLU B 328 10.92 7.16 14.19
CA GLU B 328 10.94 6.07 15.10
C GLU B 328 12.09 5.11 14.81
N THR B 329 12.35 4.83 13.54
CA THR B 329 13.47 4.02 13.16
C THR B 329 14.76 4.67 13.57
N HIS B 330 14.85 5.97 13.36
CA HIS B 330 16.06 6.69 13.70
C HIS B 330 16.31 6.62 15.21
N ARG B 331 15.29 6.89 15.99
CA ARG B 331 15.32 6.80 17.45
C ARG B 331 15.78 5.42 17.92
N LEU B 332 15.37 4.37 17.21
CA LEU B 332 15.67 2.97 17.58
C LEU B 332 17.03 2.55 17.08
N PHE B 333 17.41 3.07 15.92
CA PHE B 333 18.65 2.73 15.28
C PHE B 333 19.38 3.97 14.75
N PRO B 334 19.95 4.79 15.68
CA PRO B 334 20.56 6.04 15.23
C PRO B 334 21.80 5.87 14.39
N ASN B 335 22.42 4.71 14.39
CA ASN B 335 23.67 4.60 13.63
C ASN B 335 23.48 4.01 12.26
N THR B 336 22.24 3.69 11.92
CA THR B 336 21.97 3.13 10.62
C THR B 336 21.34 4.25 9.77
N MET B 337 22.00 4.63 8.69
CA MET B 337 21.46 5.73 7.95
C MET B 337 20.20 5.34 7.13
N LEU B 338 19.31 6.33 7.01
CA LEU B 338 18.13 6.33 6.14
C LEU B 338 18.37 7.04 4.81
N PHE B 339 17.88 6.45 3.74
CA PHE B 339 18.15 7.00 2.42
C PHE B 339 16.96 6.71 1.51
N ALA B 340 16.61 7.72 0.73
CA ALA B 340 15.44 7.60 -0.17
C ALA B 340 15.95 7.19 -1.55
N SER B 341 15.65 5.96 -1.96
CA SER B 341 16.25 5.51 -3.14
C SER B 341 15.42 5.52 -4.40
N GLU B 342 14.10 5.74 -4.34
CA GLU B 342 13.33 5.74 -5.61
C GLU B 342 12.09 6.55 -5.47
N ALA B 343 11.80 7.37 -6.47
CA ALA B 343 10.54 8.14 -6.53
C ALA B 343 10.25 8.49 -7.98
N CYS B 344 8.98 8.46 -8.37
CA CYS B 344 8.54 9.04 -9.61
C CYS B 344 7.03 9.32 -9.47
N VAL B 345 6.49 10.22 -10.27
CA VAL B 345 5.05 10.45 -10.26
C VAL B 345 4.48 9.90 -11.58
N GLY B 346 3.15 9.80 -11.64
CA GLY B 346 2.41 9.34 -12.82
C GLY B 346 2.24 7.82 -12.81
N SER B 347 2.56 7.19 -11.69
CA SER B 347 2.51 5.71 -11.50
C SER B 347 1.10 5.21 -11.27
N LYS B 348 0.21 6.02 -10.68
CA LYS B 348 -1.05 5.42 -10.32
C LYS B 348 -2.00 5.29 -11.51
N PHE B 349 -2.83 4.23 -11.50
CA PHE B 349 -3.70 3.86 -12.67
C PHE B 349 -4.54 5.02 -13.25
N TRP B 350 -4.94 5.97 -12.41
CA TRP B 350 -5.83 7.04 -12.84
C TRP B 350 -5.16 8.39 -13.13
N GLU B 351 -3.82 8.43 -13.10
CA GLU B 351 -3.03 9.64 -13.46
C GLU B 351 -2.54 9.56 -14.90
N GLN B 352 -2.47 10.69 -15.57
CA GLN B 352 -1.78 10.72 -16.83
C GLN B 352 -0.28 10.43 -16.46
N SER B 353 0.36 9.58 -17.27
CA SER B 353 1.77 9.29 -17.07
C SER B 353 2.69 10.53 -17.09
N VAL B 354 2.61 11.33 -18.16
CA VAL B 354 3.49 12.48 -18.30
C VAL B 354 2.56 13.69 -18.39
N ARG B 355 2.68 14.67 -17.46
CA ARG B 355 2.04 15.98 -17.71
C ARG B 355 3.12 17.03 -17.86
N LEU B 356 3.47 17.33 -19.12
CA LEU B 356 4.51 18.29 -19.43
C LEU B 356 4.25 19.71 -18.85
N GLY B 357 5.13 20.16 -17.94
CA GLY B 357 4.95 21.45 -17.30
C GLY B 357 4.23 21.38 -15.97
N SER B 358 4.01 20.21 -15.43
CA SER B 358 3.27 20.13 -14.16
C SER B 358 4.07 20.71 -12.92
N TRP B 359 3.59 21.85 -12.41
CA TRP B 359 4.13 22.47 -11.24
C TRP B 359 3.81 21.59 -10.00
N ASP B 360 2.63 20.97 -9.99
CA ASP B 360 2.17 20.11 -8.88
C ASP B 360 3.16 18.95 -8.67
N ARG B 361 3.60 18.34 -9.78
CA ARG B 361 4.55 17.24 -9.72
C ARG B 361 5.93 17.72 -9.17
N GLY B 362 6.37 18.93 -9.58
CA GLY B 362 7.53 19.57 -9.01
C GLY B 362 7.47 19.71 -7.50
N MET B 363 6.33 20.21 -7.01
CA MET B 363 6.03 20.34 -5.61
C MET B 363 5.94 19.03 -4.81
N GLN B 364 5.58 17.92 -5.46
CA GLN B 364 5.58 16.63 -4.77
C GLN B 364 7.07 16.23 -4.52
N TYR B 365 7.91 16.41 -5.53
CA TYR B 365 9.39 16.20 -5.31
C TYR B 365 9.95 16.98 -4.13
N SER B 366 9.82 18.31 -4.13
CA SER B 366 10.41 19.09 -3.07
C SER B 366 9.77 18.90 -1.68
N HIS B 367 8.46 18.74 -1.61
CA HIS B 367 7.82 18.44 -0.33
C HIS B 367 8.35 17.11 0.22
N SER B 368 8.56 16.14 -0.65
CA SER B 368 9.06 14.89 -0.17
C SER B 368 10.51 15.05 0.29
N ILE B 369 11.29 15.81 -0.45
CA ILE B 369 12.67 15.92 -0.10
C ILE B 369 12.89 16.66 1.24
N ILE B 370 12.22 17.78 1.43
CA ILE B 370 12.24 18.50 2.69
C ILE B 370 11.77 17.60 3.84
N THR B 371 10.72 16.84 3.60
CA THR B 371 10.16 16.02 4.67
C THR B 371 11.15 14.93 5.03
N ASN B 372 11.76 14.33 4.00
CA ASN B 372 12.77 13.33 4.25
C ASN B 372 13.94 13.91 5.10
N LEU B 373 14.43 15.08 4.72
CA LEU B 373 15.52 15.78 5.40
C LEU B 373 15.19 16.04 6.85
N LEU B 374 13.93 16.42 7.12
CA LEU B 374 13.52 16.72 8.45
C LEU B 374 13.42 15.47 9.33
N TYR B 375 13.51 14.28 8.74
CA TYR B 375 13.42 13.01 9.51
C TYR B 375 14.59 12.09 9.22
N HIS B 376 15.75 12.71 9.00
CA HIS B 376 17.05 12.08 9.12
C HIS B 376 17.58 11.39 7.88
N VAL B 377 16.81 11.43 6.79
CA VAL B 377 17.25 10.86 5.57
C VAL B 377 18.48 11.63 5.03
N VAL B 378 19.51 10.87 4.59
CA VAL B 378 20.77 11.43 4.06
C VAL B 378 20.88 11.69 2.55
N GLY B 379 19.89 11.23 1.78
CA GLY B 379 19.95 11.43 0.34
C GLY B 379 18.62 11.08 -0.34
N TRP B 380 18.48 11.45 -1.60
CA TRP B 380 17.16 11.29 -2.25
C TRP B 380 17.38 11.04 -3.71
N THR B 381 16.77 10.00 -4.24
CA THR B 381 17.11 9.52 -5.56
C THR B 381 15.87 9.39 -6.36
N ASP B 382 15.84 10.16 -7.44
CA ASP B 382 14.84 10.02 -8.49
C ASP B 382 14.97 8.64 -9.17
N TRP B 383 13.92 8.28 -9.90
CA TRP B 383 13.86 7.08 -10.74
C TRP B 383 14.46 7.46 -12.15
N ASN B 384 13.85 7.09 -13.30
CA ASN B 384 14.47 7.39 -14.64
C ASN B 384 14.94 8.83 -14.89
N LEU B 385 16.20 8.96 -15.33
CA LEU B 385 16.82 10.25 -15.63
C LEU B 385 16.11 10.87 -16.80
N ALA B 386 15.55 10.06 -17.69
CA ALA B 386 14.87 10.61 -18.88
C ALA B 386 13.86 9.62 -19.37
N LEU B 387 12.73 10.11 -19.84
CA LEU B 387 11.74 9.25 -20.47
C LEU B 387 11.28 9.87 -21.80
N ASN B 388 10.49 9.15 -22.60
CA ASN B 388 9.94 9.76 -23.83
C ASN B 388 8.62 10.38 -23.47
N PRO B 389 7.95 11.02 -24.43
CA PRO B 389 6.72 11.73 -24.08
C PRO B 389 5.56 10.84 -23.61
N GLU B 390 5.63 9.55 -23.92
CA GLU B 390 4.65 8.60 -23.46
C GLU B 390 5.07 8.10 -22.05
N GLY B 391 6.34 8.34 -21.67
CA GLY B 391 6.78 7.98 -20.34
C GLY B 391 7.32 6.57 -20.33
N GLY B 392 7.94 6.18 -21.40
CA GLY B 392 8.58 4.87 -21.43
C GLY B 392 9.87 5.00 -22.22
N PRO B 393 10.34 3.90 -22.84
CA PRO B 393 9.63 2.63 -23.01
C PRO B 393 9.63 1.79 -21.77
N ASN B 394 8.80 0.77 -21.77
CA ASN B 394 8.53 -0.02 -20.61
C ASN B 394 7.79 -1.23 -21.13
N TRP B 395 8.37 -2.43 -20.92
CA TRP B 395 7.91 -3.67 -21.54
C TRP B 395 6.54 -4.08 -21.04
N VAL B 396 6.13 -3.62 -19.85
CA VAL B 396 4.75 -3.83 -19.38
C VAL B 396 3.92 -2.54 -19.41
N ARG B 397 4.45 -1.50 -20.04
CA ARG B 397 3.66 -0.25 -20.24
C ARG B 397 3.28 0.41 -18.93
N ASN B 398 4.13 0.21 -17.92
CA ASN B 398 4.00 0.85 -16.62
C ASN B 398 4.61 2.27 -16.74
N PHE B 399 4.03 3.11 -17.61
CA PHE B 399 4.65 4.38 -17.93
C PHE B 399 4.52 5.40 -16.78
N VAL B 400 5.56 6.22 -16.60
CA VAL B 400 5.51 7.23 -15.56
C VAL B 400 6.17 8.48 -16.05
N ASP B 401 6.29 9.48 -15.17
CA ASP B 401 6.85 10.76 -15.54
C ASP B 401 8.40 10.82 -15.18
N SER B 402 9.11 11.78 -15.73
CA SER B 402 10.54 11.94 -15.41
C SER B 402 10.85 13.42 -15.53
N PRO B 403 11.83 13.94 -14.75
CA PRO B 403 12.26 15.33 -14.82
C PRO B 403 12.72 15.79 -16.16
N ILE B 404 13.22 14.88 -16.99
CA ILE B 404 13.54 15.18 -18.40
C ILE B 404 12.84 14.26 -19.38
N ILE B 405 12.15 14.89 -20.35
CA ILE B 405 11.39 14.19 -21.36
C ILE B 405 12.10 14.44 -22.71
N VAL B 406 12.45 13.38 -23.41
CA VAL B 406 13.17 13.49 -24.63
C VAL B 406 12.21 13.32 -25.81
N ASP B 407 12.23 14.25 -26.77
CA ASP B 407 11.46 14.10 -28.04
C ASP B 407 12.37 13.85 -29.23
N ILE B 408 12.46 12.59 -29.62
CA ILE B 408 13.32 12.10 -30.68
C ILE B 408 13.07 12.79 -32.03
N THR B 409 11.82 13.10 -32.36
CA THR B 409 11.57 13.67 -33.69
C THR B 409 12.00 15.08 -33.78
N LYS B 410 12.22 15.75 -32.65
CA LYS B 410 12.62 17.14 -32.67
C LYS B 410 14.04 17.35 -32.19
N ASP B 411 14.70 16.24 -31.85
CA ASP B 411 16.02 16.33 -31.21
C ASP B 411 16.02 17.41 -30.11
N THR B 412 15.01 17.37 -29.23
CA THR B 412 14.95 18.29 -28.12
C THR B 412 14.64 17.52 -26.84
N PHE B 413 14.86 18.13 -25.71
CA PHE B 413 14.43 17.56 -24.45
C PHE B 413 13.84 18.66 -23.64
N TYR B 414 12.95 18.28 -22.74
CA TYR B 414 12.26 19.26 -21.98
C TYR B 414 12.61 19.07 -20.55
N LYS B 415 13.12 20.10 -19.91
CA LYS B 415 13.30 20.02 -18.46
C LYS B 415 12.04 20.49 -17.72
N GLN B 416 11.48 19.57 -16.94
CA GLN B 416 10.23 19.78 -16.24
C GLN B 416 10.44 20.44 -14.89
N PRO B 417 9.39 21.02 -14.26
CA PRO B 417 9.53 21.61 -12.92
C PRO B 417 10.14 20.65 -11.91
N MET B 418 9.83 19.36 -11.99
CA MET B 418 10.57 18.38 -11.21
C MET B 418 12.12 18.58 -11.26
N PHE B 419 12.68 18.88 -12.44
CA PHE B 419 14.12 19.10 -12.55
C PHE B 419 14.57 20.23 -11.62
N TYR B 420 13.88 21.38 -11.72
CA TYR B 420 14.21 22.56 -10.91
C TYR B 420 13.95 22.37 -9.46
N HIS B 421 12.90 21.61 -9.14
CA HIS B 421 12.59 21.36 -7.76
C HIS B 421 13.68 20.53 -7.11
N LEU B 422 14.18 19.52 -7.81
CA LEU B 422 15.32 18.75 -7.34
C LEU B 422 16.59 19.61 -7.28
N GLY B 423 16.73 20.52 -8.23
CA GLY B 423 17.96 21.27 -8.39
C GLY B 423 18.09 22.21 -7.23
N HIS B 424 16.95 22.61 -6.65
CA HIS B 424 16.96 23.51 -5.50
C HIS B 424 17.68 22.89 -4.30
N PHE B 425 17.82 21.56 -4.29
CA PHE B 425 18.59 20.87 -3.28
C PHE B 425 19.93 20.40 -3.80
N SER B 426 19.90 19.64 -4.90
CA SER B 426 21.09 18.99 -5.35
C SER B 426 22.18 20.03 -5.67
N LYS B 427 21.79 21.18 -6.21
CA LYS B 427 22.82 22.16 -6.63
C LYS B 427 23.53 22.71 -5.40
N PHE B 428 22.79 22.82 -4.30
CA PHE B 428 23.22 23.69 -3.21
C PHE B 428 23.58 22.96 -1.94
N ILE B 429 23.42 21.63 -1.99
CA ILE B 429 23.61 20.81 -0.80
C ILE B 429 24.60 19.70 -1.16
N PRO B 430 25.92 20.00 -1.23
CA PRO B 430 26.89 18.95 -1.62
C PRO B 430 26.97 17.87 -0.55
N GLU B 431 27.59 16.74 -0.91
CA GLU B 431 27.86 15.68 0.06
C GLU B 431 28.60 16.23 1.30
N GLY B 432 28.24 15.77 2.51
CA GLY B 432 28.87 16.27 3.74
C GLY B 432 28.22 17.50 4.36
N SER B 433 27.26 18.16 3.71
CA SER B 433 26.41 19.15 4.39
C SER B 433 25.68 18.50 5.53
N GLN B 434 25.34 19.28 6.55
CA GLN B 434 24.70 18.72 7.70
C GLN B 434 23.43 19.50 7.97
N ARG B 435 22.37 18.82 8.35
CA ARG B 435 21.13 19.51 8.58
C ARG B 435 21.17 20.07 9.99
N VAL B 436 20.62 21.28 10.17
CA VAL B 436 20.66 21.93 11.47
C VAL B 436 19.26 22.32 11.92
N GLY B 437 19.11 22.76 13.17
CA GLY B 437 17.79 23.05 13.67
C GLY B 437 17.23 24.25 12.93
N LEU B 438 15.91 24.28 12.83
CA LEU B 438 15.16 25.40 12.23
C LEU B 438 13.75 25.44 12.85
N VAL B 439 13.42 26.52 13.54
CA VAL B 439 12.13 26.58 14.22
C VAL B 439 11.32 27.77 13.77
N ALA B 440 10.00 27.58 13.80
CA ALA B 440 9.07 28.58 13.31
C ALA B 440 8.42 29.26 14.51
N SER B 441 8.38 30.59 14.51
CA SER B 441 7.66 31.35 15.56
C SER B 441 6.14 31.06 15.70
N GLN B 442 5.50 30.60 14.63
CA GLN B 442 4.04 30.27 14.62
C GLN B 442 3.70 29.25 13.49
N LYS B 443 2.61 28.52 13.64
CA LYS B 443 2.02 27.67 12.57
C LYS B 443 1.93 28.35 11.21
N ASN B 444 2.34 27.62 10.17
CA ASN B 444 2.44 28.17 8.83
C ASN B 444 2.30 27.04 7.81
N ASP B 445 2.07 27.36 6.55
CA ASP B 445 1.91 26.36 5.47
C ASP B 445 3.20 26.14 4.62
N LEU B 446 4.34 26.62 5.10
CA LEU B 446 5.58 26.53 4.33
C LEU B 446 6.26 25.24 4.69
N ASP B 447 7.00 24.65 3.77
CA ASP B 447 7.91 23.60 4.18
C ASP B 447 9.32 24.15 4.04
N ALA B 448 10.18 23.89 5.03
CA ALA B 448 11.48 24.54 5.03
C ALA B 448 12.44 23.69 5.78
N VAL B 449 13.70 23.73 5.34
CA VAL B 449 14.76 22.96 5.99
C VAL B 449 16.06 23.77 5.96
N ALA B 450 16.84 23.72 7.04
CA ALA B 450 18.14 24.47 7.09
C ALA B 450 19.28 23.53 7.24
N LEU B 451 20.31 23.81 6.45
CA LEU B 451 21.51 23.04 6.54
C LEU B 451 22.77 23.92 6.58
N MET B 452 23.88 23.27 6.89
CA MET B 452 25.19 23.84 6.87
C MET B 452 26.06 23.16 5.79
N HIS B 453 26.61 23.97 4.88
CA HIS B 453 27.53 23.56 3.86
C HIS B 453 28.81 23.18 4.59
N PRO B 454 29.60 22.25 4.01
CA PRO B 454 30.85 21.87 4.67
C PRO B 454 31.82 23.03 4.90
N ASP B 455 31.76 24.08 4.07
CA ASP B 455 32.60 25.28 4.23
C ASP B 455 32.10 26.30 5.28
N GLY B 456 31.06 25.92 6.00
CA GLY B 456 30.44 26.76 7.04
C GLY B 456 29.22 27.60 6.66
N SER B 457 29.01 27.87 5.38
CA SER B 457 27.93 28.75 4.95
C SER B 457 26.55 28.07 5.13
N ALA B 458 25.48 28.87 5.19
CA ALA B 458 24.09 28.38 5.41
C ALA B 458 23.37 28.09 4.08
N VAL B 459 22.48 27.09 4.11
CA VAL B 459 21.53 26.81 3.04
C VAL B 459 20.15 26.61 3.65
N VAL B 460 19.15 27.30 3.11
CA VAL B 460 17.78 27.13 3.56
C VAL B 460 16.91 27.04 2.32
N VAL B 461 16.07 26.01 2.26
CA VAL B 461 15.12 25.83 1.15
C VAL B 461 13.69 26.07 1.71
N VAL B 462 12.94 26.92 1.03
CA VAL B 462 11.61 27.23 1.49
C VAL B 462 10.65 26.90 0.33
N LEU B 463 9.68 26.02 0.59
CA LEU B 463 8.69 25.64 -0.41
C LEU B 463 7.36 26.17 0.05
N ASN B 464 6.66 26.85 -0.84
CA ASN B 464 5.26 27.25 -0.52
C ASN B 464 4.29 26.52 -1.45
N ARG B 465 3.52 25.61 -0.90
CA ARG B 465 2.53 24.89 -1.74
C ARG B 465 1.10 25.51 -1.74
N SER B 466 0.95 26.65 -1.05
CA SER B 466 -0.31 27.38 -0.99
C SER B 466 -0.32 28.42 -2.09
N SER B 467 -1.50 28.91 -2.47
CA SER B 467 -1.58 29.98 -3.42
C SER B 467 -1.33 31.39 -2.81
N LYS B 468 -1.18 31.50 -1.50
CA LYS B 468 -0.99 32.83 -0.89
C LYS B 468 0.48 33.15 -0.60
N ASP B 469 0.93 34.36 -0.92
CA ASP B 469 2.25 34.87 -0.56
C ASP B 469 2.42 34.94 0.95
N VAL B 470 3.60 34.61 1.43
CA VAL B 470 3.83 34.65 2.88
C VAL B 470 5.11 35.42 3.14
N PRO B 471 4.97 36.65 3.69
CA PRO B 471 6.19 37.38 4.11
C PRO B 471 6.84 36.65 5.29
N LEU B 472 8.16 36.64 5.32
CA LEU B 472 8.86 35.98 6.42
C LEU B 472 10.23 36.54 6.67
N THR B 473 10.69 36.28 7.88
CA THR B 473 12.05 36.57 8.27
C THR B 473 12.77 35.29 8.64
N ILE B 474 14.05 35.20 8.28
CA ILE B 474 14.89 34.13 8.77
C ILE B 474 15.98 34.74 9.63
N LYS B 475 16.17 34.20 10.83
CA LYS B 475 17.15 34.63 11.75
C LYS B 475 18.29 33.59 11.88
N ASP B 476 19.51 34.05 11.61
CA ASP B 476 20.72 33.31 11.89
C ASP B 476 21.36 34.05 13.08
N PRO B 477 21.44 33.41 14.26
CA PRO B 477 21.82 34.06 15.52
C PRO B 477 23.13 34.81 15.48
N ALA B 478 24.08 34.32 14.70
CA ALA B 478 25.41 34.95 14.53
C ALA B 478 25.54 36.12 13.52
N VAL B 479 24.68 36.16 12.51
CA VAL B 479 24.83 37.19 11.49
C VAL B 479 23.61 38.12 11.33
N GLY B 480 22.44 37.68 11.76
CA GLY B 480 21.24 38.51 11.72
C GLY B 480 20.01 37.97 11.02
N PHE B 481 19.30 38.88 10.33
CA PHE B 481 17.92 38.65 9.91
C PHE B 481 17.74 38.91 8.41
N LEU B 482 17.27 37.91 7.67
CA LEU B 482 16.89 38.09 6.27
C LEU B 482 15.40 38.32 6.17
N GLU B 483 15.03 39.41 5.52
CA GLU B 483 13.63 39.78 5.36
C GLU B 483 13.26 39.37 3.93
N THR B 484 12.27 38.49 3.81
CA THR B 484 11.91 37.99 2.50
C THR B 484 10.40 37.71 2.36
N ILE B 485 10.06 37.16 1.22
CA ILE B 485 8.70 36.76 0.91
C ILE B 485 8.74 35.40 0.24
N SER B 486 7.79 34.55 0.61
CA SER B 486 7.62 33.26 -0.05
C SER B 486 6.35 33.36 -0.88
N PRO B 487 6.49 33.69 -2.17
CA PRO B 487 5.25 33.81 -2.95
C PRO B 487 4.53 32.47 -3.10
N GLY B 488 3.23 32.51 -3.45
CA GLY B 488 2.40 31.30 -3.57
C GLY B 488 3.06 30.46 -4.64
N TYR B 489 3.17 29.14 -4.44
CA TYR B 489 3.69 28.29 -5.48
C TYR B 489 5.09 28.71 -5.91
N SER B 490 6.00 28.75 -4.95
CA SER B 490 7.37 29.08 -5.28
C SER B 490 8.20 28.12 -4.46
N ILE B 491 9.42 27.96 -4.94
CA ILE B 491 10.45 27.41 -4.13
C ILE B 491 11.66 28.32 -4.20
N HIS B 492 12.28 28.54 -3.04
CA HIS B 492 13.46 29.37 -2.95
C HIS B 492 14.54 28.59 -2.24
N THR B 493 15.79 28.81 -2.64
CA THR B 493 16.95 28.37 -1.89
C THR B 493 17.73 29.65 -1.52
N TYR B 494 17.93 29.82 -0.22
CA TYR B 494 18.73 30.89 0.41
C TYR B 494 20.10 30.41 0.82
N LEU B 495 21.14 31.14 0.42
CA LEU B 495 22.54 30.91 0.77
C LEU B 495 23.13 32.18 1.38
N TRP B 496 23.88 32.04 2.47
CA TRP B 496 24.72 33.12 2.95
C TRP B 496 25.94 32.62 3.73
N HIS B 497 27.02 33.39 3.61
CA HIS B 497 28.22 33.15 4.40
C HIS B 497 28.02 33.64 5.83
N ARG B 498 28.59 32.92 6.77
CA ARG B 498 28.42 33.20 8.18
C ARG B 498 29.70 33.82 8.74
N GLN B 499 30.70 33.97 7.85
CA GLN B 499 32.09 34.23 8.25
C GLN B 499 32.57 35.64 7.93
#